data_4AYD
#
_entry.id   4AYD
#
_cell.length_a   185.260
_cell.length_b   54.010
_cell.length_c   129.560
_cell.angle_alpha   90.00
_cell.angle_beta   118.03
_cell.angle_gamma   90.00
#
_symmetry.space_group_name_H-M   'C 1 2 1'
#
loop_
_entity.id
_entity.type
_entity.pdbx_description
1 polymer 'COMPLEMENT FACTOR H'
2 polymer 'FACTOR H BINDING PROTEIN'
3 non-polymer 1,2-ETHANEDIOL
4 water water
#
loop_
_entity_poly.entity_id
_entity_poly.type
_entity_poly.pdbx_seq_one_letter_code
_entity_poly.pdbx_strand_id
1 'polypeptide(L)'
;MGTLKPCDYPDIKHGGLYHENMRRPYFPVAVGKYYSYYCDEHFETPSGSYWDHIHCTQDGWSPAVPCLRKCYFPYLENGY
NQNHGRKFVQGKSIDVACHPGYALPKAQTTVTCMENGWSPTPRCI
;
A,B,E
2 'polypeptide(L)'
;MVAADIGAGLADALTAPLDHKDKGLQSLTLDQSVAKNEKLKLAAQGAEKTYGNGDSLNTGKLKNDKVSRFDFIRQIEVDG
QLITLESGEFQVYKQSHSALTAFQTEQIQDSEHSGKMVAKRQFRIGDIAGEHTSFDKLPEGGRATYRGTAFGSDDAGGKL
TYTIDFAAKQGNGKIEHLKSPELNVDLAAADIKPDGKRHAVISGSVLYNQAEKGSYSLGIFGGKAQEVAGSAEVKTVNGI
RHIGLAAKQELHHHHHH
;
C,D,F
#
loop_
_chem_comp.id
_chem_comp.type
_chem_comp.name
_chem_comp.formula
EDO non-polymer 1,2-ETHANEDIOL 'C2 H6 O2'
#
# COMPACT_ATOMS: atom_id res chain seq x y z
N THR A 3 27.12 11.52 -42.32
CA THR A 3 26.52 12.21 -41.18
C THR A 3 25.23 11.53 -40.69
N LEU A 4 24.76 11.89 -39.49
CA LEU A 4 23.52 11.34 -38.93
C LEU A 4 22.34 12.23 -39.31
N LYS A 5 21.28 11.61 -39.84
CA LYS A 5 20.07 12.30 -40.29
C LYS A 5 19.27 12.87 -39.10
N PRO A 6 18.91 14.18 -39.13
CA PRO A 6 18.09 14.72 -38.03
C PRO A 6 16.66 14.20 -38.10
N CYS A 7 15.99 14.07 -36.93
CA CYS A 7 14.62 13.57 -36.89
C CYS A 7 13.62 14.69 -37.13
N ASP A 8 12.68 14.47 -38.06
CA ASP A 8 11.60 15.43 -38.35
C ASP A 8 10.56 15.35 -37.22
N TYR A 9 9.57 16.26 -37.21
CA TYR A 9 8.52 16.25 -36.19
C TYR A 9 7.86 14.86 -36.11
N PRO A 10 7.79 14.26 -34.90
CA PRO A 10 7.21 12.91 -34.81
C PRO A 10 5.70 12.88 -34.84
N ASP A 11 5.13 12.18 -35.83
CA ASP A 11 3.69 12.01 -35.91
C ASP A 11 3.37 10.69 -35.23
N ILE A 12 3.23 10.75 -33.91
CA ILE A 12 2.97 9.61 -33.03
C ILE A 12 1.54 9.11 -33.24
N LYS A 13 1.42 7.88 -33.76
CA LYS A 13 0.11 7.23 -33.98
C LYS A 13 -0.53 6.97 -32.63
N HIS A 14 -1.79 7.42 -32.46
CA HIS A 14 -2.60 7.31 -31.24
C HIS A 14 -1.99 8.04 -30.02
N GLY A 15 -1.30 9.14 -30.30
CA GLY A 15 -0.66 9.98 -29.30
C GLY A 15 -0.08 11.24 -29.88
N GLY A 16 0.92 11.78 -29.20
CA GLY A 16 1.59 13.00 -29.63
C GLY A 16 2.48 13.60 -28.56
N LEU A 17 3.18 14.68 -28.91
CA LEU A 17 4.07 15.39 -27.99
C LEU A 17 3.33 16.41 -27.14
N TYR A 18 3.82 16.62 -25.91
CA TYR A 18 3.32 17.66 -25.01
C TYR A 18 3.96 18.96 -25.50
N HIS A 19 3.40 20.13 -25.12
CA HIS A 19 3.90 21.47 -25.47
C HIS A 19 4.23 21.62 -26.97
N GLU A 20 3.37 21.07 -27.84
CA GLU A 20 3.47 21.04 -29.30
C GLU A 20 3.84 22.38 -29.96
N ASN A 21 3.16 23.47 -29.53
CA ASN A 21 3.34 24.83 -30.05
CA ASN A 21 3.36 24.81 -30.08
C ASN A 21 4.77 25.38 -29.88
N MET A 22 5.41 25.06 -28.74
CA MET A 22 6.76 25.50 -28.41
C MET A 22 7.84 24.65 -29.06
N ARG A 23 7.55 23.35 -29.27
CA ARG A 23 8.51 22.38 -29.83
C ARG A 23 8.58 22.35 -31.34
N ARG A 24 7.41 22.31 -32.02
CA ARG A 24 7.26 22.25 -33.49
C ARG A 24 8.18 23.18 -34.33
N PRO A 25 8.37 24.49 -34.04
CA PRO A 25 9.23 25.33 -34.91
C PRO A 25 10.72 25.00 -34.92
N TYR A 26 11.18 24.10 -34.03
CA TYR A 26 12.59 23.74 -33.88
C TYR A 26 13.01 22.41 -34.52
N PHE A 27 12.09 21.79 -35.28
CA PHE A 27 12.31 20.53 -35.97
C PHE A 27 12.78 20.79 -37.42
N PRO A 28 13.66 19.95 -38.03
CA PRO A 28 14.27 18.70 -37.53
C PRO A 28 15.27 18.88 -36.39
N VAL A 29 15.35 17.87 -35.50
CA VAL A 29 16.21 17.89 -34.32
C VAL A 29 17.37 16.89 -34.42
N ALA A 30 18.51 17.21 -33.80
CA ALA A 30 19.72 16.38 -33.80
C ALA A 30 19.54 15.08 -33.01
N VAL A 31 20.36 14.06 -33.35
CA VAL A 31 20.41 12.75 -32.71
C VAL A 31 20.80 12.94 -31.24
N GLY A 32 20.02 12.37 -30.33
CA GLY A 32 20.23 12.48 -28.90
C GLY A 32 19.14 13.27 -28.19
N LYS A 33 18.39 14.08 -28.96
CA LYS A 33 17.27 14.89 -28.47
C LYS A 33 16.08 13.99 -28.11
N TYR A 34 15.39 14.33 -27.01
CA TYR A 34 14.24 13.59 -26.51
C TYR A 34 13.16 14.54 -26.01
N TYR A 35 11.88 14.11 -26.10
CA TYR A 35 10.74 14.92 -25.69
C TYR A 35 9.68 14.08 -25.02
N SER A 36 9.05 14.61 -23.96
CA SER A 36 7.96 13.94 -23.26
C SER A 36 6.76 13.88 -24.20
N TYR A 37 6.11 12.71 -24.28
CA TYR A 37 4.96 12.49 -25.15
C TYR A 37 3.83 11.79 -24.40
N TYR A 38 2.60 11.90 -24.91
CA TYR A 38 1.42 11.27 -24.32
C TYR A 38 0.80 10.26 -25.29
N CYS A 39 -0.07 9.39 -24.77
CA CYS A 39 -0.83 8.43 -25.56
C CYS A 39 -2.32 8.74 -25.36
N ASP A 40 -3.12 8.63 -26.44
CA ASP A 40 -4.56 8.88 -26.40
C ASP A 40 -5.29 7.87 -25.51
N GLU A 41 -6.58 8.13 -25.23
CA GLU A 41 -7.44 7.25 -24.43
C GLU A 41 -7.46 5.85 -25.07
N HIS A 42 -7.38 4.80 -24.23
CA HIS A 42 -7.35 3.37 -24.60
C HIS A 42 -5.98 2.93 -25.17
N PHE A 43 -4.96 3.81 -25.07
CA PHE A 43 -3.59 3.55 -25.52
C PHE A 43 -2.59 3.86 -24.42
N GLU A 44 -1.45 3.17 -24.44
CA GLU A 44 -0.37 3.34 -23.45
C GLU A 44 1.02 3.23 -24.07
N THR A 45 2.03 3.64 -23.29
CA THR A 45 3.45 3.61 -23.65
C THR A 45 4.02 2.20 -23.41
N PRO A 46 5.18 1.79 -24.00
CA PRO A 46 5.72 0.45 -23.71
C PRO A 46 6.03 0.19 -22.23
N SER A 47 6.16 1.27 -21.42
CA SER A 47 6.42 1.21 -19.97
C SER A 47 5.14 0.95 -19.15
N GLY A 48 3.97 1.08 -19.78
CA GLY A 48 2.67 0.86 -19.16
C GLY A 48 2.06 2.09 -18.53
N SER A 49 2.37 3.27 -19.08
CA SER A 49 1.87 4.56 -18.61
C SER A 49 1.19 5.32 -19.76
N TYR A 50 0.49 6.43 -19.44
CA TYR A 50 -0.16 7.27 -20.45
C TYR A 50 0.85 8.25 -21.09
N TRP A 51 2.06 8.36 -20.48
CA TRP A 51 3.12 9.26 -20.95
C TRP A 51 4.53 8.70 -20.69
N ASP A 52 5.49 9.12 -21.53
CA ASP A 52 6.91 8.75 -21.46
C ASP A 52 7.74 9.73 -22.30
N HIS A 53 8.95 9.32 -22.75
CA HIS A 53 9.84 10.13 -23.57
C HIS A 53 10.18 9.43 -24.88
N ILE A 54 10.15 10.20 -25.99
CA ILE A 54 10.52 9.72 -27.33
C ILE A 54 11.88 10.30 -27.69
N HIS A 55 12.83 9.43 -28.08
CA HIS A 55 14.21 9.81 -28.37
C HIS A 55 14.55 9.74 -29.85
N CYS A 56 15.30 10.75 -30.34
CA CYS A 56 15.77 10.79 -31.73
C CYS A 56 17.11 10.05 -31.79
N THR A 57 17.10 8.84 -32.37
CA THR A 57 18.29 8.00 -32.53
C THR A 57 18.76 8.01 -34.01
N GLN A 58 19.88 7.33 -34.30
CA GLN A 58 20.42 7.24 -35.67
C GLN A 58 19.47 6.50 -36.63
N ASP A 59 18.61 5.61 -36.08
CA ASP A 59 17.62 4.84 -36.82
C ASP A 59 16.23 5.48 -36.79
N GLY A 60 16.14 6.68 -36.22
CA GLY A 60 14.89 7.44 -36.11
C GLY A 60 14.37 7.54 -34.69
N TRP A 61 13.06 7.78 -34.56
CA TRP A 61 12.40 7.93 -33.26
C TRP A 61 12.29 6.60 -32.51
N SER A 62 12.68 6.61 -31.22
CA SER A 62 12.63 5.45 -30.33
C SER A 62 11.80 5.78 -29.07
N PRO A 63 10.76 4.99 -28.72
CA PRO A 63 10.30 3.74 -29.38
C PRO A 63 9.63 3.95 -30.73
N ALA A 64 9.79 2.97 -31.65
CA ALA A 64 9.22 2.97 -33.00
C ALA A 64 7.69 2.96 -32.94
N VAL A 65 7.12 2.23 -31.96
CA VAL A 65 5.68 2.16 -31.68
C VAL A 65 5.52 2.81 -30.29
N PRO A 66 5.35 4.15 -30.23
CA PRO A 66 5.27 4.82 -28.92
C PRO A 66 3.99 4.57 -28.14
N CYS A 67 2.87 4.34 -28.85
CA CYS A 67 1.58 4.10 -28.24
C CYS A 67 0.95 2.78 -28.70
N LEU A 68 0.76 1.87 -27.74
CA LEU A 68 0.18 0.53 -27.94
C LEU A 68 -1.21 0.47 -27.33
N ARG A 69 -2.14 -0.25 -27.97
CA ARG A 69 -3.51 -0.39 -27.48
C ARG A 69 -3.58 -1.20 -26.18
N LYS A 70 -4.39 -0.71 -25.23
CA LYS A 70 -4.65 -1.38 -23.97
C LYS A 70 -6.12 -1.81 -23.90
N CYS A 71 -6.35 -3.11 -23.78
CA CYS A 71 -7.69 -3.70 -23.73
C CYS A 71 -7.94 -4.24 -22.32
N TYR A 72 -8.98 -3.70 -21.66
CA TYR A 72 -9.38 -4.15 -20.33
C TYR A 72 -10.46 -5.20 -20.53
N PHE A 73 -10.27 -6.40 -19.95
CA PHE A 73 -11.23 -7.49 -20.11
C PHE A 73 -12.56 -7.14 -19.43
N PRO A 74 -13.69 -7.17 -20.18
CA PRO A 74 -14.97 -6.76 -19.60
C PRO A 74 -15.63 -7.80 -18.72
N TYR A 75 -16.66 -7.37 -17.97
CA TYR A 75 -17.47 -8.24 -17.14
C TYR A 75 -18.32 -9.11 -18.06
N LEU A 76 -18.39 -10.40 -17.76
CA LEU A 76 -19.19 -11.34 -18.53
C LEU A 76 -20.47 -11.60 -17.74
N GLU A 77 -21.61 -11.16 -18.29
CA GLU A 77 -22.94 -11.31 -17.70
C GLU A 77 -23.23 -12.79 -17.40
N ASN A 78 -22.96 -13.66 -18.40
CA ASN A 78 -23.18 -15.10 -18.29
C ASN A 78 -21.91 -15.89 -18.60
N GLY A 79 -20.82 -15.51 -17.93
CA GLY A 79 -19.50 -16.13 -18.06
C GLY A 79 -18.67 -16.00 -16.81
N TYR A 80 -17.52 -16.71 -16.77
CA TYR A 80 -16.60 -16.70 -15.63
C TYR A 80 -15.75 -15.42 -15.62
N ASN A 81 -15.79 -14.69 -14.48
CA ASN A 81 -15.17 -13.38 -14.31
C ASN A 81 -13.83 -13.27 -13.56
N GLN A 82 -12.94 -14.26 -13.72
CA GLN A 82 -11.61 -14.23 -13.08
C GLN A 82 -10.69 -13.15 -13.66
N ASN A 83 -10.90 -12.77 -14.94
CA ASN A 83 -10.10 -11.76 -15.66
C ASN A 83 -10.79 -10.39 -15.78
N HIS A 84 -11.90 -10.17 -15.05
CA HIS A 84 -12.64 -8.91 -15.08
C HIS A 84 -11.79 -7.74 -14.57
N GLY A 85 -11.58 -6.76 -15.44
CA GLY A 85 -10.78 -5.56 -15.15
C GLY A 85 -9.31 -5.67 -15.47
N ARG A 86 -8.83 -6.88 -15.80
CA ARG A 86 -7.44 -7.17 -16.14
C ARG A 86 -7.04 -6.48 -17.46
N LYS A 87 -5.87 -5.80 -17.46
CA LYS A 87 -5.35 -5.09 -18.62
C LYS A 87 -4.51 -6.01 -19.51
N PHE A 88 -4.70 -5.89 -20.83
CA PHE A 88 -3.99 -6.65 -21.86
C PHE A 88 -3.48 -5.67 -22.91
N VAL A 89 -2.19 -5.78 -23.27
CA VAL A 89 -1.57 -4.91 -24.28
C VAL A 89 -1.81 -5.49 -25.67
N GLN A 90 -1.70 -4.64 -26.72
CA GLN A 90 -1.86 -4.95 -28.13
C GLN A 90 -1.07 -6.22 -28.52
N GLY A 91 -1.75 -7.14 -29.21
CA GLY A 91 -1.17 -8.39 -29.67
C GLY A 91 -1.37 -9.57 -28.74
N LYS A 92 -1.72 -9.32 -27.47
CA LYS A 92 -1.93 -10.36 -26.45
C LYS A 92 -3.34 -10.96 -26.50
N SER A 93 -3.44 -12.27 -26.23
CA SER A 93 -4.69 -13.03 -26.25
C SER A 93 -5.07 -13.64 -24.90
N ILE A 94 -6.37 -13.93 -24.72
CA ILE A 94 -6.92 -14.55 -23.50
C ILE A 94 -8.14 -15.42 -23.84
N ASP A 95 -8.29 -16.57 -23.16
CA ASP A 95 -9.40 -17.50 -23.36
C ASP A 95 -10.66 -17.02 -22.61
N VAL A 96 -11.84 -17.16 -23.24
CA VAL A 96 -13.13 -16.77 -22.66
C VAL A 96 -13.90 -18.02 -22.23
N ALA A 97 -14.16 -18.14 -20.92
CA ALA A 97 -14.90 -19.25 -20.32
C ALA A 97 -16.32 -18.78 -20.00
N CYS A 98 -17.30 -19.30 -20.75
CA CYS A 98 -18.72 -18.97 -20.58
C CYS A 98 -19.43 -19.98 -19.67
N HIS A 99 -20.56 -19.56 -19.07
CA HIS A 99 -21.39 -20.40 -18.21
C HIS A 99 -22.11 -21.45 -19.08
N PRO A 100 -22.46 -22.65 -18.54
CA PRO A 100 -23.17 -23.64 -19.38
C PRO A 100 -24.42 -23.07 -20.04
N GLY A 101 -24.59 -23.34 -21.33
CA GLY A 101 -25.71 -22.83 -22.11
C GLY A 101 -25.40 -21.52 -22.82
N TYR A 102 -24.15 -21.02 -22.65
CA TYR A 102 -23.66 -19.78 -23.23
C TYR A 102 -22.31 -20.00 -23.92
N ALA A 103 -22.00 -19.20 -24.97
CA ALA A 103 -20.77 -19.28 -25.78
C ALA A 103 -20.45 -17.94 -26.48
N LEU A 104 -19.24 -17.80 -27.09
CA LEU A 104 -18.79 -16.58 -27.80
C LEU A 104 -19.60 -16.29 -29.10
N PRO A 105 -19.33 -15.18 -29.88
CA PRO A 105 -20.14 -14.90 -31.07
C PRO A 105 -20.37 -16.06 -32.05
N LYS A 106 -19.30 -16.79 -32.45
CA LYS A 106 -19.43 -17.93 -33.40
C LYS A 106 -18.44 -19.06 -33.12
N ALA A 107 -18.76 -19.91 -32.11
CA ALA A 107 -17.98 -21.07 -31.66
C ALA A 107 -16.51 -20.76 -31.30
N GLN A 108 -16.23 -19.48 -30.98
CA GLN A 108 -14.90 -18.98 -30.60
C GLN A 108 -14.65 -19.21 -29.11
N THR A 109 -13.37 -19.19 -28.69
CA THR A 109 -12.95 -19.39 -27.31
C THR A 109 -11.87 -18.39 -26.86
N THR A 110 -11.19 -17.75 -27.83
CA THR A 110 -10.10 -16.81 -27.55
C THR A 110 -10.35 -15.43 -28.16
N VAL A 111 -10.04 -14.37 -27.39
CA VAL A 111 -10.15 -12.96 -27.80
C VAL A 111 -8.76 -12.32 -27.85
N THR A 112 -8.50 -11.50 -28.87
CA THR A 112 -7.21 -10.84 -29.05
C THR A 112 -7.32 -9.32 -29.00
N CYS A 113 -6.38 -8.68 -28.26
CA CYS A 113 -6.32 -7.22 -28.14
C CYS A 113 -5.57 -6.66 -29.35
N MET A 114 -6.31 -6.09 -30.31
CA MET A 114 -5.76 -5.50 -31.54
C MET A 114 -5.59 -3.98 -31.35
N GLU A 115 -5.12 -3.25 -32.39
CA GLU A 115 -4.92 -1.80 -32.39
C GLU A 115 -6.24 -1.03 -32.17
N ASN A 116 -7.39 -1.65 -32.51
CA ASN A 116 -8.73 -1.08 -32.35
C ASN A 116 -9.47 -1.56 -31.09
N GLY A 117 -8.99 -2.64 -30.48
CA GLY A 117 -9.58 -3.23 -29.28
C GLY A 117 -9.69 -4.74 -29.33
N TRP A 118 -10.68 -5.31 -28.60
CA TRP A 118 -10.88 -6.76 -28.55
C TRP A 118 -11.46 -7.32 -29.85
N SER A 119 -10.87 -8.41 -30.35
CA SER A 119 -11.34 -9.08 -31.57
C SER A 119 -11.35 -10.61 -31.40
N PRO A 120 -12.53 -11.25 -31.29
CA PRO A 120 -13.89 -10.68 -31.33
C PRO A 120 -14.28 -10.02 -30.00
N THR A 121 -15.50 -9.45 -29.91
CA THR A 121 -16.00 -8.82 -28.69
C THR A 121 -16.24 -9.92 -27.62
N PRO A 122 -15.64 -9.82 -26.42
CA PRO A 122 -15.84 -10.87 -25.42
C PRO A 122 -17.23 -10.77 -24.77
N ARG A 123 -18.16 -11.60 -25.24
CA ARG A 123 -19.54 -11.65 -24.74
C ARG A 123 -20.11 -13.04 -24.92
N CYS A 124 -20.67 -13.61 -23.85
CA CYS A 124 -21.29 -14.93 -23.86
C CYS A 124 -22.78 -14.82 -24.21
N ILE A 125 -23.11 -15.11 -25.49
CA ILE A 125 -24.45 -15.04 -26.09
C ILE A 125 -25.10 -13.65 -25.95
N PRO B 6 30.67 -31.21 14.43
CA PRO B 6 30.99 -29.95 15.13
C PRO B 6 31.45 -28.88 14.15
N CYS B 7 30.89 -27.66 14.29
CA CYS B 7 31.18 -26.52 13.42
C CYS B 7 32.06 -25.51 14.14
N ASP B 8 33.18 -25.14 13.51
CA ASP B 8 34.10 -24.11 14.02
C ASP B 8 33.47 -22.73 13.80
N TYR B 9 34.07 -21.65 14.36
CA TYR B 9 33.54 -20.30 14.20
C TYR B 9 33.32 -19.98 12.71
N PRO B 10 32.11 -19.53 12.31
CA PRO B 10 31.87 -19.29 10.88
C PRO B 10 32.47 -17.97 10.39
N ASP B 11 33.36 -18.06 9.39
CA ASP B 11 33.95 -16.87 8.80
C ASP B 11 33.11 -16.52 7.58
N ILE B 12 32.03 -15.77 7.84
CA ILE B 12 31.04 -15.35 6.85
C ILE B 12 31.64 -14.30 5.94
N LYS B 13 31.81 -14.64 4.65
CA LYS B 13 32.33 -13.72 3.64
C LYS B 13 31.29 -12.63 3.42
N HIS B 14 31.72 -11.36 3.51
CA HIS B 14 30.89 -10.16 3.34
C HIS B 14 29.77 -10.03 4.40
N GLY B 15 30.06 -10.49 5.61
CA GLY B 15 29.15 -10.43 6.73
C GLY B 15 29.79 -10.88 8.03
N GLY B 16 28.97 -11.48 8.90
CA GLY B 16 29.42 -11.99 10.19
C GLY B 16 28.30 -12.21 11.18
N LEU B 17 28.63 -12.74 12.35
CA LEU B 17 27.66 -13.00 13.41
C LEU B 17 27.45 -11.78 14.27
N TYR B 18 26.24 -11.65 14.83
CA TYR B 18 25.90 -10.61 15.79
C TYR B 18 26.45 -11.11 17.14
N HIS B 19 26.65 -10.21 18.12
CA HIS B 19 27.14 -10.52 19.47
C HIS B 19 28.40 -11.43 19.48
N GLU B 20 29.33 -11.16 18.55
CA GLU B 20 30.59 -11.87 18.30
C GLU B 20 31.40 -12.20 19.56
N ASN B 21 31.59 -11.19 20.43
CA ASN B 21 32.37 -11.30 21.68
C ASN B 21 31.84 -12.35 22.65
N MET B 22 30.50 -12.50 22.75
CA MET B 22 29.84 -13.45 23.64
C MET B 22 29.79 -14.86 23.05
N ARG B 23 29.71 -14.98 21.71
CA ARG B 23 29.59 -16.25 21.00
C ARG B 23 30.90 -16.97 20.73
N ARG B 24 31.92 -16.23 20.22
CA ARG B 24 33.26 -16.74 19.87
C ARG B 24 33.95 -17.71 20.87
N PRO B 25 33.98 -17.47 22.21
CA PRO B 25 34.69 -18.42 23.10
C PRO B 25 34.06 -19.81 23.26
N TYR B 26 32.85 -20.03 22.72
CA TYR B 26 32.11 -21.27 22.85
C TYR B 26 32.12 -22.19 21.63
N PHE B 27 32.95 -21.85 20.63
CA PHE B 27 33.13 -22.62 19.40
C PHE B 27 34.32 -23.60 19.53
N PRO B 28 34.30 -24.82 18.92
CA PRO B 28 33.28 -25.40 18.03
C PRO B 28 31.94 -25.74 18.70
N VAL B 29 30.85 -25.63 17.92
CA VAL B 29 29.48 -25.90 18.40
C VAL B 29 28.88 -27.16 17.77
N ALA B 30 27.97 -27.82 18.51
CA ALA B 30 27.29 -29.05 18.10
C ALA B 30 26.30 -28.83 16.95
N VAL B 31 25.99 -29.92 16.21
CA VAL B 31 25.03 -29.95 15.10
C VAL B 31 23.64 -29.60 15.67
N GLY B 32 22.98 -28.64 15.04
CA GLY B 32 21.65 -28.18 15.45
C GLY B 32 21.67 -26.76 15.97
N LYS B 33 22.87 -26.27 16.37
CA LYS B 33 23.07 -24.91 16.86
C LYS B 33 22.95 -23.89 15.71
N TYR B 34 22.32 -22.75 15.99
CA TYR B 34 22.10 -21.67 15.02
C TYR B 34 22.33 -20.31 15.67
N TYR B 35 22.75 -19.32 14.86
CA TYR B 35 23.04 -17.97 15.35
C TYR B 35 22.61 -16.93 14.34
N SER B 36 22.07 -15.79 14.84
CA SER B 36 21.66 -14.68 13.99
C SER B 36 22.91 -14.01 13.42
N TYR B 37 22.90 -13.77 12.10
CA TYR B 37 24.04 -13.17 11.40
C TYR B 37 23.60 -12.00 10.53
N TYR B 38 24.54 -11.11 10.18
CA TYR B 38 24.29 -9.96 9.33
C TYR B 38 25.12 -10.04 8.05
N CYS B 39 24.75 -9.22 7.05
CA CYS B 39 25.47 -9.08 5.79
C CYS B 39 25.91 -7.63 5.66
N ASP B 40 27.13 -7.40 5.14
CA ASP B 40 27.69 -6.06 4.94
C ASP B 40 26.89 -5.28 3.90
N GLU B 41 27.17 -3.97 3.76
CA GLU B 41 26.53 -3.08 2.80
C GLU B 41 26.71 -3.65 1.38
N HIS B 42 25.64 -3.57 0.54
CA HIS B 42 25.56 -4.05 -0.84
C HIS B 42 25.43 -5.58 -0.94
N PHE B 43 25.29 -6.25 0.21
CA PHE B 43 25.15 -7.70 0.31
C PHE B 43 23.87 -8.04 1.06
N GLU B 44 23.28 -9.20 0.75
CA GLU B 44 22.06 -9.68 1.38
C GLU B 44 22.06 -11.20 1.57
N THR B 45 21.17 -11.66 2.47
CA THR B 45 20.96 -13.07 2.82
C THR B 45 20.16 -13.75 1.69
N PRO B 46 20.16 -15.11 1.56
CA PRO B 46 19.35 -15.76 0.50
C PRO B 46 17.84 -15.45 0.57
N SER B 47 17.36 -14.99 1.75
CA SER B 47 15.96 -14.61 1.99
C SER B 47 15.62 -13.20 1.48
N GLY B 48 16.65 -12.41 1.17
CA GLY B 48 16.52 -11.05 0.65
C GLY B 48 16.50 -9.98 1.72
N SER B 49 17.19 -10.24 2.86
CA SER B 49 17.28 -9.34 4.00
C SER B 49 18.76 -9.06 4.35
N TYR B 50 19.01 -8.08 5.23
CA TYR B 50 20.38 -7.77 5.68
C TYR B 50 20.82 -8.71 6.80
N TRP B 51 19.87 -9.49 7.36
CA TRP B 51 20.13 -10.44 8.45
C TRP B 51 19.23 -11.68 8.39
N ASP B 52 19.74 -12.81 8.95
CA ASP B 52 19.04 -14.09 9.04
C ASP B 52 19.75 -14.98 10.09
N HIS B 53 19.59 -16.31 10.00
CA HIS B 53 20.21 -17.27 10.91
C HIS B 53 21.05 -18.29 10.14
N ILE B 54 22.26 -18.57 10.66
CA ILE B 54 23.18 -19.56 10.10
C ILE B 54 23.13 -20.79 11.02
N HIS B 55 22.89 -21.98 10.43
CA HIS B 55 22.72 -23.23 11.16
C HIS B 55 23.88 -24.19 10.97
N CYS B 56 24.30 -24.86 12.05
CA CYS B 56 25.35 -25.88 12.00
C CYS B 56 24.68 -27.22 11.72
N THR B 57 24.84 -27.71 10.48
CA THR B 57 24.27 -28.99 10.03
C THR B 57 25.36 -30.06 9.93
N GLN B 58 24.96 -31.31 9.58
CA GLN B 58 25.87 -32.45 9.40
C GLN B 58 26.88 -32.20 8.28
N ASP B 59 26.51 -31.37 7.28
CA ASP B 59 27.35 -31.02 6.14
C ASP B 59 28.07 -29.66 6.32
N GLY B 60 27.96 -29.09 7.52
CA GLY B 60 28.57 -27.81 7.87
C GLY B 60 27.59 -26.68 8.05
N TRP B 61 28.06 -25.43 7.92
CA TRP B 61 27.23 -24.23 8.06
C TRP B 61 26.25 -24.07 6.90
N SER B 62 24.97 -23.81 7.23
CA SER B 62 23.89 -23.59 6.27
C SER B 62 23.21 -22.24 6.53
N PRO B 63 23.11 -21.33 5.54
CA PRO B 63 23.53 -21.46 4.13
C PRO B 63 25.05 -21.44 3.93
N ALA B 64 25.54 -22.17 2.91
CA ALA B 64 26.96 -22.25 2.55
C ALA B 64 27.49 -20.88 2.10
N VAL B 65 26.64 -20.11 1.37
CA VAL B 65 26.93 -18.75 0.94
C VAL B 65 25.91 -17.88 1.69
N PRO B 66 26.26 -17.41 2.91
CA PRO B 66 25.29 -16.65 3.71
C PRO B 66 25.00 -15.24 3.20
N CYS B 67 25.99 -14.60 2.56
CA CYS B 67 25.87 -13.26 2.02
C CYS B 67 26.16 -13.19 0.53
N LEU B 68 25.14 -12.82 -0.26
CA LEU B 68 25.20 -12.69 -1.71
C LEU B 68 25.12 -11.22 -2.11
N ARG B 69 25.90 -10.82 -3.12
CA ARG B 69 25.91 -9.44 -3.63
C ARG B 69 24.58 -9.10 -4.32
N LYS B 70 24.05 -7.91 -4.03
CA LYS B 70 22.84 -7.39 -4.68
C LYS B 70 23.22 -6.26 -5.64
N CYS B 71 22.81 -6.39 -6.90
CA CYS B 71 23.10 -5.42 -7.96
C CYS B 71 21.81 -4.82 -8.47
N TYR B 72 21.67 -3.49 -8.34
CA TYR B 72 20.50 -2.77 -8.83
C TYR B 72 20.83 -2.27 -10.23
N PHE B 73 19.99 -2.62 -11.23
CA PHE B 73 20.25 -2.22 -12.61
C PHE B 73 20.14 -0.69 -12.76
N PRO B 74 21.20 -0.03 -13.25
CA PRO B 74 21.17 1.45 -13.33
C PRO B 74 20.37 2.00 -14.51
N TYR B 75 20.10 3.31 -14.46
CA TYR B 75 19.44 4.04 -15.53
C TYR B 75 20.39 4.13 -16.71
N LEU B 76 19.89 3.86 -17.91
CA LEU B 76 20.69 3.94 -19.12
C LEU B 76 20.34 5.23 -19.83
N GLU B 77 21.31 6.16 -19.88
CA GLU B 77 21.18 7.47 -20.53
C GLU B 77 20.74 7.31 -21.98
N ASN B 78 21.41 6.41 -22.73
CA ASN B 78 21.11 6.13 -24.14
C ASN B 78 20.82 4.63 -24.37
N GLY B 79 19.91 4.10 -23.56
CA GLY B 79 19.47 2.71 -23.62
C GLY B 79 18.05 2.52 -23.12
N TYR B 80 17.49 1.33 -23.33
CA TYR B 80 16.12 0.98 -22.92
C TYR B 80 16.07 0.71 -21.41
N ASN B 81 15.17 1.43 -20.71
CA ASN B 81 15.06 1.42 -19.24
C ASN B 81 13.93 0.59 -18.59
N GLN B 82 13.59 -0.57 -19.16
CA GLN B 82 12.56 -1.45 -18.58
C GLN B 82 13.00 -2.10 -17.25
N ASN B 83 14.33 -2.28 -17.07
CA ASN B 83 14.92 -2.90 -15.87
C ASN B 83 15.54 -1.90 -14.88
N HIS B 84 15.27 -0.59 -15.06
CA HIS B 84 15.81 0.45 -14.19
C HIS B 84 15.27 0.31 -12.76
N GLY B 85 16.20 0.14 -11.82
CA GLY B 85 15.91 -0.02 -10.39
C GLY B 85 15.70 -1.44 -9.93
N ARG B 86 15.60 -2.39 -10.89
CA ARG B 86 15.38 -3.82 -10.62
C ARG B 86 16.58 -4.44 -9.92
N LYS B 87 16.31 -5.20 -8.84
CA LYS B 87 17.34 -5.88 -8.04
C LYS B 87 17.69 -7.25 -8.63
N PHE B 88 18.99 -7.55 -8.67
CA PHE B 88 19.54 -8.82 -9.15
C PHE B 88 20.51 -9.36 -8.11
N VAL B 89 20.37 -10.64 -7.77
CA VAL B 89 21.21 -11.31 -6.80
C VAL B 89 22.47 -11.84 -7.50
N GLN B 90 23.56 -12.08 -6.73
CA GLN B 90 24.85 -12.58 -7.19
C GLN B 90 24.69 -13.86 -8.05
N GLY B 91 25.30 -13.84 -9.23
CA GLY B 91 25.26 -14.96 -10.18
C GLY B 91 24.26 -14.82 -11.29
N LYS B 92 23.23 -13.97 -11.12
CA LYS B 92 22.17 -13.73 -12.10
C LYS B 92 22.61 -12.70 -13.15
N SER B 93 22.24 -12.94 -14.43
CA SER B 93 22.55 -12.10 -15.58
C SER B 93 21.31 -11.43 -16.18
N ILE B 94 21.54 -10.34 -16.93
CA ILE B 94 20.49 -9.59 -17.65
C ILE B 94 21.03 -8.98 -18.95
N ASP B 95 20.21 -9.03 -20.01
CA ASP B 95 20.53 -8.50 -21.34
C ASP B 95 20.41 -6.98 -21.33
N VAL B 96 21.41 -6.29 -21.89
CA VAL B 96 21.40 -4.83 -21.98
C VAL B 96 21.01 -4.43 -23.40
N ALA B 97 19.92 -3.67 -23.49
CA ALA B 97 19.41 -3.18 -24.77
C ALA B 97 19.69 -1.69 -24.87
N CYS B 98 20.64 -1.33 -25.75
CA CYS B 98 21.03 0.07 -25.99
C CYS B 98 20.26 0.66 -27.16
N HIS B 99 20.15 2.00 -27.21
CA HIS B 99 19.49 2.74 -28.29
C HIS B 99 20.36 2.63 -29.56
N PRO B 100 19.80 2.69 -30.80
CA PRO B 100 20.64 2.62 -31.99
C PRO B 100 21.76 3.66 -31.98
N GLY B 101 22.97 3.22 -32.34
CA GLY B 101 24.15 4.08 -32.33
C GLY B 101 24.92 4.01 -31.03
N TYR B 102 24.43 3.20 -30.07
CA TYR B 102 25.03 2.99 -28.75
C TYR B 102 25.17 1.50 -28.45
N ALA B 103 26.17 1.12 -27.64
CA ALA B 103 26.48 -0.26 -27.25
C ALA B 103 27.27 -0.33 -25.95
N LEU B 104 27.50 -1.55 -25.43
CA LEU B 104 28.29 -1.76 -24.21
C LEU B 104 29.79 -1.71 -24.51
N GLN B 108 29.36 -6.97 -25.74
CA GLN B 108 29.17 -7.89 -24.63
C GLN B 108 27.72 -8.35 -24.47
N THR B 109 26.76 -7.43 -24.71
CA THR B 109 25.28 -7.59 -24.64
C THR B 109 24.67 -7.99 -23.28
N THR B 110 25.39 -8.77 -22.47
CA THR B 110 24.90 -9.23 -21.16
C THR B 110 25.78 -8.79 -20.01
N VAL B 111 25.16 -8.39 -18.90
CA VAL B 111 25.84 -7.99 -17.66
C VAL B 111 25.55 -8.99 -16.54
N THR B 112 26.56 -9.34 -15.74
CA THR B 112 26.41 -10.31 -14.66
C THR B 112 26.69 -9.68 -13.29
N CYS B 113 25.80 -9.94 -12.31
CA CYS B 113 25.98 -9.47 -10.94
C CYS B 113 26.99 -10.40 -10.29
N MET B 114 28.25 -9.96 -10.25
CA MET B 114 29.37 -10.70 -9.66
C MET B 114 29.51 -10.31 -8.19
N GLU B 115 30.47 -10.94 -7.48
CA GLU B 115 30.76 -10.71 -6.07
C GLU B 115 31.08 -9.24 -5.73
N ASN B 116 31.68 -8.49 -6.68
CA ASN B 116 32.05 -7.09 -6.48
C ASN B 116 31.18 -6.07 -7.26
N GLY B 117 30.06 -6.54 -7.81
CA GLY B 117 29.12 -5.71 -8.57
C GLY B 117 28.89 -6.18 -10.00
N TRP B 118 28.31 -5.31 -10.85
CA TRP B 118 28.03 -5.60 -12.26
C TRP B 118 29.32 -5.80 -13.07
N SER B 119 29.38 -6.87 -13.88
CA SER B 119 30.52 -7.17 -14.75
C SER B 119 30.05 -7.61 -16.15
N PRO B 120 30.23 -6.76 -17.19
CA PRO B 120 30.82 -5.41 -17.17
C PRO B 120 29.87 -4.34 -16.65
N THR B 121 30.32 -3.07 -16.58
CA THR B 121 29.49 -1.95 -16.12
C THR B 121 28.39 -1.69 -17.16
N PRO B 122 27.08 -1.70 -16.77
CA PRO B 122 26.03 -1.48 -17.77
C PRO B 122 25.93 -0.01 -18.18
N ARG B 123 26.52 0.34 -19.32
CA ARG B 123 26.48 1.69 -19.87
C ARG B 123 26.52 1.68 -21.38
N CYS B 124 25.60 2.43 -21.99
CA CYS B 124 25.49 2.51 -23.43
C CYS B 124 26.26 3.72 -23.96
N ILE B 125 27.45 3.47 -24.53
CA ILE B 125 28.35 4.48 -25.09
C ILE B 125 28.80 4.10 -26.49
N ASP C 5 5.56 10.68 35.22
CA ASP C 5 4.55 11.20 34.29
C ASP C 5 4.58 10.48 32.94
N ILE C 6 3.52 10.66 32.12
CA ILE C 6 3.36 10.03 30.80
C ILE C 6 4.46 10.41 29.79
N GLY C 7 5.42 9.48 29.63
CA GLY C 7 6.58 9.63 28.75
C GLY C 7 7.51 10.73 29.19
N ALA C 8 7.65 10.90 30.53
CA ALA C 8 8.40 11.93 31.24
C ALA C 8 9.84 12.22 30.79
N GLY C 9 10.65 11.18 30.59
CA GLY C 9 12.05 11.40 30.22
C GLY C 9 12.43 11.06 28.79
N LEU C 10 11.46 10.67 27.95
CA LEU C 10 11.68 10.30 26.55
C LEU C 10 12.18 11.48 25.70
N ALA C 11 11.56 12.68 25.86
CA ALA C 11 11.95 13.88 25.13
C ALA C 11 13.30 14.42 25.61
N ASP C 12 13.57 14.32 26.93
CA ASP C 12 14.83 14.76 27.55
C ASP C 12 16.01 13.93 27.03
N ALA C 13 15.80 12.61 26.83
CA ALA C 13 16.80 11.67 26.32
C ALA C 13 17.25 12.05 24.90
N LEU C 14 16.35 12.67 24.12
CA LEU C 14 16.59 13.10 22.74
C LEU C 14 17.11 14.53 22.61
N THR C 15 16.72 15.43 23.53
CA THR C 15 17.10 16.85 23.47
C THR C 15 18.19 17.29 24.45
N ALA C 16 18.03 16.97 25.75
CA ALA C 16 18.95 17.38 26.81
C ALA C 16 20.37 16.80 26.70
N PRO C 17 21.42 17.62 26.96
CA PRO C 17 22.79 17.09 26.89
C PRO C 17 23.18 16.27 28.14
N LEU C 18 24.49 15.97 28.26
CA LEU C 18 25.07 15.25 29.41
C LEU C 18 24.78 15.96 30.74
N ASP C 19 24.45 15.18 31.77
CA ASP C 19 24.19 15.65 33.12
C ASP C 19 24.62 14.54 34.08
N HIS C 20 25.67 14.79 34.87
CA HIS C 20 26.23 13.83 35.80
C HIS C 20 25.26 13.47 36.94
N LYS C 21 24.36 14.40 37.31
CA LYS C 21 23.34 14.22 38.35
C LYS C 21 22.41 13.04 38.02
N ASP C 22 22.28 12.71 36.72
CA ASP C 22 21.45 11.62 36.21
C ASP C 22 21.88 10.25 36.68
N LYS C 23 20.87 9.43 36.97
CA LYS C 23 20.97 8.05 37.44
C LYS C 23 21.51 7.16 36.31
N GLY C 24 22.50 6.33 36.65
CA GLY C 24 23.15 5.40 35.73
C GLY C 24 22.24 4.27 35.27
N LEU C 25 22.46 3.67 34.09
CA LEU C 25 23.51 3.97 33.10
C LEU C 25 23.20 5.29 32.38
N GLN C 26 24.13 6.26 32.49
CA GLN C 26 23.99 7.60 31.94
C GLN C 26 24.07 7.67 30.42
N SER C 27 25.00 6.93 29.81
CA SER C 27 25.21 6.93 28.37
C SER C 27 25.28 5.53 27.76
N LEU C 28 24.83 5.41 26.50
CA LEU C 28 24.81 4.16 25.74
C LEU C 28 25.23 4.44 24.30
N THR C 29 26.39 3.90 23.88
CA THR C 29 26.94 4.06 22.53
C THR C 29 26.16 3.19 21.55
N LEU C 30 25.55 3.81 20.53
CA LEU C 30 24.77 3.10 19.51
C LEU C 30 25.71 2.65 18.39
N ASP C 31 26.15 1.38 18.44
CA ASP C 31 27.07 0.78 17.48
C ASP C 31 26.35 -0.26 16.60
N GLN C 32 25.74 -1.28 17.22
CA GLN C 32 25.00 -2.32 16.50
C GLN C 32 23.60 -1.85 16.08
N SER C 33 23.10 -0.76 16.70
CA SER C 33 21.79 -0.16 16.41
C SER C 33 21.79 0.65 15.11
N VAL C 34 22.91 1.31 14.79
CA VAL C 34 23.08 2.15 13.58
C VAL C 34 24.35 1.73 12.85
N ALA C 35 24.23 1.30 11.58
CA ALA C 35 25.41 0.95 10.79
C ALA C 35 26.08 2.23 10.26
N LYS C 36 27.38 2.16 9.91
CA LYS C 36 28.18 3.29 9.43
C LYS C 36 27.57 4.05 8.24
N ASN C 37 26.98 3.31 7.29
CA ASN C 37 26.36 3.83 6.07
C ASN C 37 24.96 4.43 6.27
N GLU C 38 24.27 4.04 7.35
CA GLU C 38 22.90 4.49 7.62
C GLU C 38 22.74 5.51 8.76
N LYS C 39 21.50 6.00 8.94
CA LYS C 39 21.09 6.95 9.96
C LYS C 39 19.83 6.44 10.67
N LEU C 40 19.74 6.65 11.99
CA LEU C 40 18.60 6.25 12.81
C LEU C 40 17.94 7.48 13.41
N LYS C 41 16.72 7.77 12.96
CA LYS C 41 15.91 8.91 13.39
C LYS C 41 14.94 8.43 14.48
N LEU C 42 15.09 8.95 15.70
CA LEU C 42 14.23 8.59 16.84
C LEU C 42 13.31 9.73 17.22
N ALA C 43 12.03 9.42 17.48
CA ALA C 43 11.02 10.41 17.85
C ALA C 43 10.11 9.91 18.98
N ALA C 44 9.84 10.80 19.95
CA ALA C 44 8.97 10.57 21.12
C ALA C 44 8.65 11.88 21.82
N GLN C 45 7.38 12.00 22.28
CA GLN C 45 6.81 13.13 23.01
C GLN C 45 7.11 14.50 22.40
N GLY C 46 7.01 14.58 21.08
CA GLY C 46 7.24 15.79 20.30
C GLY C 46 8.70 16.12 19.99
N ALA C 47 9.64 15.34 20.55
CA ALA C 47 11.08 15.53 20.34
C ALA C 47 11.59 14.63 19.21
N GLU C 48 12.79 14.95 18.68
CA GLU C 48 13.41 14.23 17.55
C GLU C 48 14.94 14.38 17.57
N LYS C 49 15.67 13.28 17.24
CA LYS C 49 17.13 13.25 17.13
C LYS C 49 17.59 12.16 16.16
N THR C 50 18.67 12.43 15.41
CA THR C 50 19.24 11.53 14.42
C THR C 50 20.67 11.09 14.82
N TYR C 51 20.92 9.77 14.72
CA TYR C 51 22.17 9.08 15.02
C TYR C 51 22.50 8.26 13.74
N GLY C 52 23.76 7.94 13.42
CA GLY C 52 24.97 8.24 14.15
C GLY C 52 25.63 7.00 14.73
N ASN C 53 26.44 6.29 13.91
CA ASN C 53 27.19 5.11 14.38
C ASN C 53 28.30 5.62 15.29
N GLY C 54 28.25 5.21 16.55
CA GLY C 54 29.20 5.64 17.57
C GLY C 54 28.63 6.74 18.46
N ASP C 55 27.51 7.37 18.02
CA ASP C 55 26.81 8.42 18.77
C ASP C 55 26.18 7.83 20.02
N SER C 56 26.16 8.61 21.09
CA SER C 56 25.64 8.17 22.39
C SER C 56 24.18 8.55 22.61
N LEU C 57 23.42 7.61 23.19
CA LEU C 57 22.02 7.80 23.56
C LEU C 57 21.99 8.16 25.04
N ASN C 58 21.36 9.31 25.38
CA ASN C 58 21.27 9.79 26.75
C ASN C 58 20.27 8.95 27.58
N THR C 59 20.73 7.75 27.99
CA THR C 59 19.94 6.81 28.79
C THR C 59 19.68 7.30 30.22
N GLY C 60 20.52 8.21 30.70
CA GLY C 60 20.41 8.82 32.03
C GLY C 60 19.09 9.51 32.30
N LYS C 61 18.41 9.99 31.24
CA LYS C 61 17.11 10.66 31.31
C LYS C 61 15.95 9.65 31.31
N LEU C 62 16.23 8.39 30.95
CA LEU C 62 15.23 7.31 30.91
C LEU C 62 15.11 6.63 32.27
N LYS C 63 13.96 5.98 32.52
CA LYS C 63 13.68 5.29 33.78
C LYS C 63 14.28 3.88 33.81
N ASN C 64 14.87 3.52 34.96
CA ASN C 64 15.50 2.21 35.18
C ASN C 64 14.49 1.09 35.36
N ASP C 65 14.89 -0.13 35.00
CA ASP C 65 14.13 -1.38 35.10
C ASP C 65 12.80 -1.38 34.32
N LYS C 66 12.73 -0.57 33.26
CA LYS C 66 11.56 -0.42 32.39
C LYS C 66 11.97 -0.33 30.91
N VAL C 67 11.00 -0.54 30.00
CA VAL C 67 11.20 -0.44 28.56
C VAL C 67 10.78 0.96 28.12
N SER C 68 11.71 1.71 27.51
CA SER C 68 11.47 3.05 26.97
C SER C 68 11.21 2.91 25.48
N ARG C 69 10.09 3.46 25.00
CA ARG C 69 9.66 3.33 23.61
C ARG C 69 9.79 4.60 22.79
N PHE C 70 10.32 4.45 21.56
CA PHE C 70 10.54 5.53 20.59
C PHE C 70 10.12 5.07 19.20
N ASP C 71 9.72 6.02 18.33
CA ASP C 71 9.40 5.73 16.94
C ASP C 71 10.73 5.78 16.18
N PHE C 72 11.07 4.72 15.44
CA PHE C 72 12.34 4.70 14.71
C PHE C 72 12.16 4.73 13.21
N ILE C 73 13.12 5.37 12.52
CA ILE C 73 13.20 5.46 11.06
C ILE C 73 14.67 5.24 10.67
N ARG C 74 14.94 4.14 9.95
CA ARG C 74 16.29 3.82 9.46
C ARG C 74 16.36 4.45 8.07
N GLN C 75 17.15 5.54 7.93
CA GLN C 75 17.21 6.33 6.69
C GLN C 75 18.57 6.50 5.99
N ILE C 76 18.51 7.03 4.74
CA ILE C 76 19.63 7.35 3.84
C ILE C 76 19.14 8.44 2.82
N GLU C 77 19.93 8.77 1.78
CA GLU C 77 19.55 9.75 0.76
C GLU C 77 20.12 9.43 -0.61
N ILE C 83 15.62 8.74 2.03
CA ILE C 83 14.66 7.65 1.89
C ILE C 83 14.72 6.65 3.04
N THR C 84 13.55 6.12 3.44
CA THR C 84 13.38 5.16 4.53
C THR C 84 13.72 3.73 4.09
N LEU C 85 14.60 3.05 4.85
CA LEU C 85 14.99 1.66 4.64
C LEU C 85 13.95 0.79 5.39
N GLU C 86 13.75 1.08 6.68
CA GLU C 86 12.79 0.42 7.57
C GLU C 86 12.33 1.35 8.70
N SER C 87 11.18 1.02 9.33
CA SER C 87 10.59 1.78 10.44
C SER C 87 9.83 0.89 11.41
N GLY C 88 9.55 1.43 12.60
CA GLY C 88 8.82 0.75 13.66
C GLY C 88 9.08 1.34 15.04
N GLU C 89 9.12 0.47 16.06
CA GLU C 89 9.36 0.89 17.44
C GLU C 89 10.75 0.50 17.93
N PHE C 90 11.44 1.47 18.56
CA PHE C 90 12.76 1.31 19.15
C PHE C 90 12.60 1.19 20.67
N GLN C 91 13.04 0.05 21.23
CA GLN C 91 12.91 -0.25 22.65
C GLN C 91 14.25 -0.16 23.38
N VAL C 92 14.26 0.49 24.55
CA VAL C 92 15.46 0.65 25.39
C VAL C 92 15.15 0.17 26.81
N TYR C 93 15.91 -0.82 27.29
CA TYR C 93 15.76 -1.31 28.65
C TYR C 93 17.01 -0.86 29.41
N LYS C 94 16.81 0.02 30.41
CA LYS C 94 17.86 0.62 31.20
C LYS C 94 18.03 0.00 32.58
N GLN C 95 19.29 -0.26 32.96
CA GLN C 95 19.71 -0.75 34.27
C GLN C 95 20.80 0.22 34.77
N SER C 96 21.43 -0.05 35.94
CA SER C 96 22.44 0.84 36.53
C SER C 96 23.83 0.79 35.91
N HIS C 97 24.27 -0.39 35.44
CA HIS C 97 25.60 -0.61 34.86
C HIS C 97 25.51 -1.23 33.46
N SER C 98 24.28 -1.44 32.96
CA SER C 98 24.00 -2.05 31.67
C SER C 98 22.74 -1.50 31.03
N ALA C 99 22.60 -1.69 29.71
CA ALA C 99 21.45 -1.27 28.90
C ALA C 99 21.45 -2.00 27.57
N LEU C 100 20.25 -2.26 27.01
CA LEU C 100 20.13 -2.92 25.72
C LEU C 100 19.05 -2.31 24.84
N THR C 101 19.28 -2.37 23.51
CA THR C 101 18.33 -1.83 22.52
C THR C 101 17.65 -2.95 21.76
N ALA C 102 16.39 -2.71 21.34
CA ALA C 102 15.59 -3.67 20.59
C ALA C 102 14.83 -2.95 19.49
N PHE C 103 14.67 -3.62 18.34
CA PHE C 103 13.96 -3.08 17.20
C PHE C 103 12.73 -3.90 16.88
N GLN C 104 11.54 -3.26 16.95
CA GLN C 104 10.29 -3.88 16.56
C GLN C 104 9.95 -3.27 15.21
N THR C 105 10.34 -3.97 14.14
CA THR C 105 10.11 -3.52 12.76
C THR C 105 8.62 -3.65 12.43
N GLU C 106 8.08 -2.64 11.75
CA GLU C 106 6.69 -2.61 11.31
C GLU C 106 6.63 -2.50 9.80
N GLN C 107 7.49 -1.65 9.21
CA GLN C 107 7.57 -1.43 7.77
C GLN C 107 8.99 -1.66 7.29
N ILE C 108 9.14 -2.32 6.13
CA ILE C 108 10.44 -2.60 5.51
C ILE C 108 10.38 -2.38 3.99
N GLN C 109 11.53 -2.02 3.39
CA GLN C 109 11.68 -1.80 1.94
C GLN C 109 11.39 -3.09 1.16
N ASP C 110 10.69 -2.96 0.01
CA ASP C 110 10.31 -4.09 -0.85
C ASP C 110 11.55 -4.72 -1.52
N GLY C 115 11.35 1.43 -4.46
CA GLY C 115 10.54 2.56 -4.03
C GLY C 115 9.26 2.21 -3.29
N LYS C 116 9.11 0.93 -2.88
CA LYS C 116 7.92 0.46 -2.16
C LYS C 116 8.23 -0.03 -0.74
N MET C 117 7.23 0.08 0.16
CA MET C 117 7.32 -0.34 1.55
C MET C 117 6.26 -1.42 1.84
N VAL C 118 6.70 -2.54 2.45
CA VAL C 118 5.85 -3.68 2.81
C VAL C 118 5.78 -3.80 4.33
N ALA C 119 4.57 -4.10 4.87
CA ALA C 119 4.36 -4.26 6.29
C ALA C 119 4.85 -5.64 6.76
N LYS C 120 6.07 -5.69 7.33
CA LYS C 120 6.72 -6.90 7.84
C LYS C 120 7.17 -6.70 9.29
N ARG C 121 6.74 -7.60 10.19
CA ARG C 121 7.05 -7.53 11.61
C ARG C 121 8.24 -8.41 11.99
N GLN C 122 9.27 -7.79 12.60
CA GLN C 122 10.49 -8.46 13.06
C GLN C 122 10.94 -7.87 14.39
N PHE C 123 11.47 -8.74 15.28
CA PHE C 123 11.98 -8.31 16.58
C PHE C 123 13.44 -8.75 16.72
N ARG C 124 14.36 -7.77 16.85
CA ARG C 124 15.80 -8.01 16.93
C ARG C 124 16.48 -7.11 17.97
N ILE C 125 17.41 -7.69 18.75
CA ILE C 125 18.19 -6.97 19.77
C ILE C 125 19.38 -6.28 19.08
N GLY C 126 19.48 -4.97 19.26
CA GLY C 126 20.54 -4.17 18.68
C GLY C 126 21.82 -4.23 19.50
N ASP C 127 21.99 -3.24 20.39
CA ASP C 127 23.15 -3.15 21.27
C ASP C 127 22.90 -3.76 22.63
N ILE C 128 23.96 -4.28 23.27
CA ILE C 128 24.01 -4.83 24.62
C ILE C 128 25.31 -4.25 25.18
N ALA C 129 25.21 -3.18 26.00
CA ALA C 129 26.38 -2.50 26.52
C ALA C 129 26.27 -1.99 27.96
N GLY C 130 27.37 -1.45 28.45
CA GLY C 130 27.51 -0.88 29.79
C GLY C 130 28.92 -1.03 30.34
N GLU C 131 29.05 -0.99 31.67
CA GLU C 131 30.34 -1.15 32.34
C GLU C 131 30.56 -2.65 32.56
N HIS C 132 31.24 -3.30 31.58
CA HIS C 132 31.53 -4.73 31.57
C HIS C 132 32.41 -5.14 32.75
N THR C 133 32.06 -6.28 33.40
CA THR C 133 32.86 -6.82 34.51
C THR C 133 33.99 -7.63 33.89
N SER C 134 35.21 -7.42 34.39
CA SER C 134 36.38 -8.16 33.95
C SER C 134 36.28 -9.58 34.51
N PHE C 135 36.60 -10.58 33.66
CA PHE C 135 36.60 -12.00 34.02
C PHE C 135 37.61 -12.27 35.13
N ASP C 136 38.71 -11.49 35.14
CA ASP C 136 39.80 -11.58 36.11
C ASP C 136 39.50 -10.82 37.42
N LYS C 137 38.40 -10.04 37.45
CA LYS C 137 37.97 -9.26 38.62
C LYS C 137 36.64 -9.75 39.22
N LEU C 138 36.16 -10.92 38.75
CA LEU C 138 34.93 -11.55 39.23
C LEU C 138 35.09 -12.03 40.67
N PRO C 139 34.01 -12.10 41.50
CA PRO C 139 34.16 -12.64 42.87
C PRO C 139 34.69 -14.07 42.84
N GLU C 140 35.58 -14.42 43.78
CA GLU C 140 36.24 -15.73 43.85
C GLU C 140 35.31 -16.88 44.20
N GLY C 141 34.19 -16.59 44.87
CA GLY C 141 33.19 -17.58 45.25
C GLY C 141 31.84 -16.98 45.58
N GLY C 142 30.92 -17.84 46.01
CA GLY C 142 29.56 -17.46 46.38
C GLY C 142 28.57 -17.55 45.25
N ARG C 143 27.28 -17.55 45.59
CA ARG C 143 26.16 -17.61 44.64
C ARG C 143 25.42 -16.29 44.61
N ALA C 144 25.06 -15.83 43.40
CA ALA C 144 24.33 -14.58 43.21
C ALA C 144 23.09 -14.79 42.36
N THR C 145 21.95 -14.27 42.83
CA THR C 145 20.67 -14.37 42.13
C THR C 145 20.33 -13.02 41.49
N TYR C 146 20.02 -13.06 40.19
CA TYR C 146 19.69 -11.90 39.38
C TYR C 146 18.22 -11.95 38.99
N ARG C 147 17.47 -10.88 39.27
CA ARG C 147 16.05 -10.79 38.95
C ARG C 147 15.81 -9.61 38.02
N GLY C 148 15.04 -9.83 36.97
CA GLY C 148 14.76 -8.79 36.00
C GLY C 148 13.69 -9.10 34.98
N THR C 149 13.87 -8.53 33.78
CA THR C 149 12.93 -8.59 32.66
C THR C 149 13.43 -9.39 31.46
N ALA C 150 12.49 -10.11 30.82
CA ALA C 150 12.65 -10.87 29.61
C ALA C 150 11.62 -10.24 28.66
N PHE C 151 12.09 -9.65 27.55
CA PHE C 151 11.17 -8.98 26.63
C PHE C 151 11.30 -9.39 25.17
N GLY C 152 10.17 -9.82 24.62
CA GLY C 152 10.05 -10.23 23.22
C GLY C 152 9.11 -9.31 22.47
N SER C 153 8.70 -9.74 21.25
CA SER C 153 7.78 -8.99 20.40
C SER C 153 6.43 -8.81 21.09
N ASP C 154 6.00 -7.53 21.23
CA ASP C 154 4.73 -7.09 21.86
C ASP C 154 4.52 -7.59 23.29
N ASP C 155 5.62 -7.90 24.02
CA ASP C 155 5.54 -8.42 25.38
C ASP C 155 6.77 -8.08 26.23
N ALA C 156 6.60 -7.15 27.17
CA ALA C 156 7.65 -6.72 28.11
C ALA C 156 7.35 -7.21 29.54
N GLY C 157 6.35 -8.09 29.67
CA GLY C 157 5.89 -8.64 30.94
C GLY C 157 6.58 -9.89 31.45
N GLY C 158 7.59 -10.37 30.72
CA GLY C 158 8.34 -11.56 31.09
C GLY C 158 9.25 -11.35 32.27
N LYS C 159 9.37 -12.38 33.12
CA LYS C 159 10.19 -12.35 34.33
C LYS C 159 11.42 -13.24 34.17
N LEU C 160 12.62 -12.63 34.37
CA LEU C 160 13.89 -13.32 34.26
C LEU C 160 14.54 -13.55 35.63
N THR C 161 14.93 -14.80 35.90
CA THR C 161 15.63 -15.23 37.11
C THR C 161 16.88 -15.94 36.64
N TYR C 162 18.06 -15.48 37.09
CA TYR C 162 19.35 -16.06 36.72
C TYR C 162 20.26 -16.19 37.92
N THR C 163 20.90 -17.36 38.06
CA THR C 163 21.80 -17.64 39.18
C THR C 163 23.22 -17.94 38.66
N ILE C 164 24.23 -17.33 39.32
CA ILE C 164 25.63 -17.53 38.97
C ILE C 164 26.40 -18.07 40.19
N ASP C 165 27.12 -19.18 40.01
CA ASP C 165 27.98 -19.77 41.02
C ASP C 165 29.40 -19.32 40.66
N PHE C 166 29.93 -18.35 41.40
CA PHE C 166 31.26 -17.78 41.16
C PHE C 166 32.43 -18.72 41.41
N ALA C 167 32.23 -19.73 42.29
CA ALA C 167 33.25 -20.73 42.62
C ALA C 167 33.43 -21.71 41.45
N ALA C 168 32.30 -22.13 40.84
CA ALA C 168 32.27 -23.06 39.72
C ALA C 168 32.37 -22.33 38.36
N LYS C 169 32.21 -20.98 38.36
CA LYS C 169 32.21 -20.12 37.18
C LYS C 169 31.14 -20.57 36.17
N GLN C 170 29.94 -20.85 36.71
CA GLN C 170 28.79 -21.33 35.94
C GLN C 170 27.53 -20.53 36.22
N GLY C 171 26.64 -20.49 35.24
CA GLY C 171 25.38 -19.79 35.33
C GLY C 171 24.23 -20.55 34.71
N ASN C 172 23.02 -20.39 35.27
CA ASN C 172 21.79 -20.99 34.78
C ASN C 172 20.59 -20.12 35.17
N GLY C 173 19.54 -20.17 34.35
CA GLY C 173 18.36 -19.36 34.58
C GLY C 173 17.06 -19.89 34.04
N LYS C 174 16.02 -19.05 34.11
CA LYS C 174 14.66 -19.38 33.71
C LYS C 174 13.91 -18.12 33.28
N ILE C 175 12.99 -18.27 32.32
CA ILE C 175 12.12 -17.20 31.82
C ILE C 175 10.68 -17.61 32.16
N GLU C 176 9.91 -16.70 32.77
CA GLU C 176 8.52 -16.95 33.15
C GLU C 176 7.60 -15.77 32.79
N HIS C 177 6.29 -16.04 32.76
CA HIS C 177 5.19 -15.08 32.54
C HIS C 177 5.03 -14.40 31.17
N LEU C 178 5.79 -14.85 30.13
CA LEU C 178 5.62 -14.30 28.79
C LEU C 178 4.33 -14.87 28.19
N LYS C 179 3.54 -14.03 27.48
CA LYS C 179 2.27 -14.41 26.84
C LYS C 179 2.39 -15.66 25.97
N SER C 180 3.48 -15.76 25.20
CA SER C 180 3.78 -16.91 24.34
C SER C 180 4.38 -18.00 25.26
N PRO C 181 3.67 -19.13 25.50
CA PRO C 181 4.21 -20.16 26.41
C PRO C 181 5.55 -20.76 26.02
N GLU C 182 5.79 -20.94 24.70
CA GLU C 182 7.02 -21.49 24.13
C GLU C 182 8.28 -20.67 24.43
N LEU C 183 8.11 -19.39 24.80
CA LEU C 183 9.22 -18.48 25.12
C LEU C 183 9.62 -18.52 26.60
N ASN C 184 8.82 -19.19 27.44
CA ASN C 184 9.10 -19.36 28.88
C ASN C 184 10.06 -20.55 29.01
N VAL C 185 11.30 -20.30 28.62
CA VAL C 185 12.39 -21.28 28.52
C VAL C 185 13.34 -21.31 29.70
N ASP C 186 14.07 -22.44 29.81
CA ASP C 186 15.10 -22.66 30.80
C ASP C 186 16.44 -22.28 30.14
N LEU C 187 17.25 -21.48 30.85
CA LEU C 187 18.56 -21.08 30.35
C LEU C 187 19.55 -22.03 31.00
N ALA C 188 19.92 -23.10 30.25
CA ALA C 188 20.81 -24.19 30.67
C ALA C 188 22.13 -23.75 31.28
N ALA C 189 22.71 -24.63 32.13
CA ALA C 189 23.99 -24.42 32.79
C ALA C 189 25.07 -24.15 31.77
N ALA C 190 25.77 -23.01 31.92
CA ALA C 190 26.81 -22.57 31.01
C ALA C 190 27.97 -21.94 31.78
N ASP C 191 29.19 -22.14 31.27
CA ASP C 191 30.41 -21.61 31.87
C ASP C 191 30.63 -20.14 31.58
N ILE C 192 31.24 -19.42 32.54
CA ILE C 192 31.61 -18.02 32.37
C ILE C 192 32.97 -18.07 31.70
N LYS C 193 33.13 -17.36 30.58
CA LYS C 193 34.38 -17.35 29.83
C LYS C 193 34.84 -15.93 29.53
N PRO C 194 36.18 -15.67 29.43
CA PRO C 194 36.61 -14.31 29.07
C PRO C 194 36.48 -14.07 27.58
N ASP C 195 36.07 -12.85 27.18
CA ASP C 195 35.97 -12.49 25.76
C ASP C 195 37.34 -11.98 25.25
N GLY C 196 37.36 -11.39 24.05
CA GLY C 196 38.57 -10.82 23.44
C GLY C 196 39.18 -9.69 24.25
N LYS C 197 38.35 -8.95 24.99
CA LYS C 197 38.75 -7.83 25.85
C LYS C 197 38.83 -8.27 27.32
N ARG C 198 38.72 -9.60 27.55
CA ARG C 198 38.75 -10.28 28.86
C ARG C 198 37.58 -9.93 29.79
N HIS C 199 36.44 -9.56 29.20
CA HIS C 199 35.21 -9.27 29.92
C HIS C 199 34.47 -10.57 30.14
N ALA C 200 33.76 -10.69 31.29
CA ALA C 200 33.02 -11.89 31.65
C ALA C 200 31.74 -12.05 30.83
N VAL C 201 31.67 -13.13 30.05
CA VAL C 201 30.51 -13.46 29.20
C VAL C 201 30.02 -14.88 29.48
N ILE C 202 28.72 -15.13 29.23
CA ILE C 202 28.09 -16.44 29.39
C ILE C 202 27.27 -16.77 28.14
N SER C 203 27.46 -17.97 27.58
CA SER C 203 26.69 -18.46 26.44
C SER C 203 26.38 -19.93 26.63
N GLY C 204 25.10 -20.27 26.48
CA GLY C 204 24.62 -21.63 26.63
C GLY C 204 23.38 -21.93 25.82
N SER C 205 22.78 -23.10 26.07
CA SER C 205 21.59 -23.58 25.37
C SER C 205 20.27 -23.10 26.01
N VAL C 206 19.24 -23.02 25.17
CA VAL C 206 17.88 -22.64 25.56
C VAL C 206 17.03 -23.92 25.47
N LEU C 207 16.30 -24.24 26.54
CA LEU C 207 15.48 -25.45 26.60
C LEU C 207 14.01 -25.17 26.91
N TYR C 208 13.12 -25.85 26.18
CA TYR C 208 11.67 -25.80 26.40
C TYR C 208 11.20 -27.24 26.48
N ASN C 209 10.70 -27.63 27.69
CA ASN C 209 10.26 -28.98 28.04
C ASN C 209 11.39 -30.02 27.81
N GLN C 210 12.62 -29.65 28.27
CA GLN C 210 13.88 -30.41 28.21
C GLN C 210 14.48 -30.61 26.80
N ALA C 211 13.86 -30.01 25.77
CA ALA C 211 14.31 -30.10 24.38
C ALA C 211 15.01 -28.79 23.98
N GLU C 212 16.17 -28.89 23.30
CA GLU C 212 16.95 -27.73 22.86
C GLU C 212 16.23 -26.95 21.77
N LYS C 213 15.95 -25.67 22.04
CA LYS C 213 15.23 -24.78 21.11
C LYS C 213 16.09 -23.62 20.59
N GLY C 214 17.28 -23.44 21.16
CA GLY C 214 18.17 -22.38 20.74
C GLY C 214 19.32 -22.09 21.69
N SER C 215 19.80 -20.84 21.66
CA SER C 215 20.91 -20.38 22.48
C SER C 215 20.63 -19.05 23.16
N TYR C 216 21.39 -18.76 24.22
CA TYR C 216 21.33 -17.50 24.94
C TYR C 216 22.73 -16.99 25.22
N SER C 217 22.89 -15.67 25.31
CA SER C 217 24.16 -15.04 25.64
C SER C 217 23.95 -13.91 26.62
N LEU C 218 24.83 -13.80 27.61
CA LEU C 218 24.78 -12.75 28.63
C LEU C 218 26.15 -12.19 28.89
N GLY C 219 26.18 -10.91 29.23
CA GLY C 219 27.38 -10.19 29.62
C GLY C 219 27.24 -9.84 31.09
N ILE C 220 28.33 -9.93 31.86
CA ILE C 220 28.30 -9.57 33.28
C ILE C 220 28.72 -8.10 33.40
N PHE C 221 27.89 -7.29 34.10
CA PHE C 221 28.10 -5.85 34.25
C PHE C 221 28.19 -5.36 35.70
N GLY C 222 28.95 -4.29 35.90
CA GLY C 222 29.18 -3.67 37.21
C GLY C 222 30.46 -4.15 37.88
N GLY C 223 31.05 -3.28 38.71
CA GLY C 223 32.29 -3.56 39.44
C GLY C 223 32.23 -4.77 40.35
N LYS C 224 31.06 -4.99 40.97
CA LYS C 224 30.82 -6.12 41.88
C LYS C 224 29.87 -7.17 41.25
N ALA C 225 29.86 -7.25 39.88
CA ALA C 225 29.06 -8.17 39.07
C ALA C 225 27.55 -8.10 39.42
N GLN C 226 27.04 -6.87 39.61
CA GLN C 226 25.65 -6.59 39.99
C GLN C 226 24.60 -6.96 38.95
N GLU C 227 24.96 -6.89 37.65
CA GLU C 227 24.00 -7.12 36.57
C GLU C 227 24.41 -8.10 35.49
N VAL C 228 23.40 -8.60 34.76
CA VAL C 228 23.50 -9.48 33.59
C VAL C 228 22.60 -8.92 32.50
N ALA C 229 23.10 -8.85 31.26
CA ALA C 229 22.36 -8.34 30.10
C ALA C 229 22.76 -9.09 28.84
N GLY C 230 21.77 -9.41 28.03
CA GLY C 230 21.98 -10.12 26.77
C GLY C 230 20.70 -10.45 26.03
N SER C 231 20.71 -11.59 25.33
CA SER C 231 19.57 -12.05 24.54
C SER C 231 19.48 -13.57 24.42
N ALA C 232 18.33 -14.06 23.92
CA ALA C 232 18.04 -15.46 23.66
C ALA C 232 17.32 -15.58 22.32
N GLU C 233 17.63 -16.65 21.57
CA GLU C 233 17.03 -16.95 20.27
C GLU C 233 16.37 -18.30 20.38
N VAL C 234 15.02 -18.33 20.33
CA VAL C 234 14.22 -19.53 20.58
C VAL C 234 13.41 -19.97 19.37
N LYS C 235 13.45 -21.28 19.04
CA LYS C 235 12.64 -21.88 17.98
C LYS C 235 11.26 -22.20 18.55
N THR C 236 10.21 -21.74 17.87
CA THR C 236 8.81 -21.99 18.24
C THR C 236 8.12 -22.66 17.03
N VAL C 237 6.85 -23.10 17.18
CA VAL C 237 6.09 -23.72 16.09
C VAL C 237 5.92 -22.78 14.88
N ASN C 238 5.88 -21.45 15.12
CA ASN C 238 5.73 -20.44 14.08
C ASN C 238 7.03 -19.68 13.72
N GLY C 239 8.19 -20.26 14.06
CA GLY C 239 9.49 -19.67 13.75
C GLY C 239 10.37 -19.29 14.91
N ILE C 240 11.54 -18.72 14.61
CA ILE C 240 12.53 -18.27 15.59
C ILE C 240 12.09 -16.91 16.16
N ARG C 241 12.12 -16.79 17.50
CA ARG C 241 11.76 -15.57 18.21
C ARG C 241 12.90 -15.16 19.15
N HIS C 242 13.24 -13.87 19.14
CA HIS C 242 14.31 -13.32 19.97
C HIS C 242 13.73 -12.67 21.23
N ILE C 243 14.46 -12.81 22.36
CA ILE C 243 14.07 -12.26 23.66
C ILE C 243 15.23 -11.43 24.21
N GLY C 244 14.91 -10.23 24.67
CA GLY C 244 15.86 -9.33 25.32
C GLY C 244 15.96 -9.70 26.78
N LEU C 245 17.19 -9.81 27.30
CA LEU C 245 17.43 -10.23 28.69
C LEU C 245 18.21 -9.20 29.47
N ALA C 246 17.73 -8.89 30.69
CA ALA C 246 18.35 -7.96 31.62
C ALA C 246 17.85 -8.24 33.03
N ALA C 247 18.79 -8.46 33.96
CA ALA C 247 18.51 -8.75 35.36
C ALA C 247 19.59 -8.18 36.27
N LYS C 248 19.19 -7.84 37.51
CA LYS C 248 20.08 -7.26 38.50
C LYS C 248 19.98 -7.99 39.86
N GLN C 249 21.04 -7.90 40.67
CA GLN C 249 21.08 -8.46 42.02
C GLN C 249 20.28 -7.54 42.95
N GLU C 250 19.72 -8.09 44.04
CA GLU C 250 18.94 -7.32 45.03
C GLU C 250 19.79 -6.21 45.66
N LEU C 251 19.31 -4.95 45.54
CA LEU C 251 19.99 -3.75 46.06
C LEU C 251 19.69 -3.56 47.53
N ALA D 8 -3.63 33.25 2.19
CA ALA D 8 -3.17 32.45 1.06
C ALA D 8 -4.06 32.59 -0.19
N GLY D 9 -5.39 32.55 0.02
CA GLY D 9 -6.36 32.69 -1.06
C GLY D 9 -6.69 31.42 -1.83
N LEU D 10 -6.31 30.25 -1.26
CA LEU D 10 -6.56 28.93 -1.88
C LEU D 10 -8.05 28.61 -1.98
N ALA D 11 -8.81 28.87 -0.90
CA ALA D 11 -10.26 28.64 -0.84
C ALA D 11 -11.02 29.60 -1.74
N ASP D 12 -10.58 30.88 -1.80
CA ASP D 12 -11.17 31.93 -2.63
C ASP D 12 -11.03 31.60 -4.12
N ALA D 13 -9.88 31.03 -4.51
CA ALA D 13 -9.59 30.63 -5.89
C ALA D 13 -10.56 29.56 -6.38
N LEU D 14 -11.07 28.71 -5.46
CA LEU D 14 -12.01 27.63 -5.75
C LEU D 14 -13.48 28.03 -5.63
N THR D 15 -13.81 28.98 -4.74
CA THR D 15 -15.20 29.39 -4.50
C THR D 15 -15.62 30.73 -5.11
N ALA D 16 -14.83 31.80 -4.87
CA ALA D 16 -15.13 33.15 -5.33
C ALA D 16 -15.14 33.33 -6.85
N PRO D 17 -16.12 34.10 -7.42
CA PRO D 17 -16.14 34.31 -8.87
C PRO D 17 -15.04 35.27 -9.34
N LEU D 18 -14.86 35.39 -10.66
CA LEU D 18 -13.83 36.23 -11.27
C LEU D 18 -14.09 37.74 -11.03
N ASP D 19 -13.07 38.44 -10.49
CA ASP D 19 -13.12 39.87 -10.17
C ASP D 19 -12.05 40.65 -10.94
N HIS D 20 -12.47 41.73 -11.62
CA HIS D 20 -11.61 42.59 -12.45
C HIS D 20 -10.55 43.38 -11.67
N LYS D 21 -10.82 43.68 -10.38
CA LYS D 21 -9.91 44.43 -9.52
C LYS D 21 -8.76 43.60 -8.95
N ASP D 22 -8.85 42.24 -9.08
CA ASP D 22 -7.84 41.30 -8.59
C ASP D 22 -6.52 41.43 -9.35
N LYS D 23 -5.40 41.12 -8.67
CA LYS D 23 -4.04 41.18 -9.20
C LYS D 23 -3.83 40.08 -10.26
N GLY D 24 -3.32 40.49 -11.42
CA GLY D 24 -3.04 39.60 -12.55
C GLY D 24 -1.90 38.63 -12.27
N LEU D 25 -1.88 37.43 -12.93
CA LEU D 25 -2.83 36.92 -13.92
C LEU D 25 -4.13 36.51 -13.23
N GLN D 26 -5.24 37.13 -13.63
CA GLN D 26 -6.57 36.92 -13.05
C GLN D 26 -7.17 35.55 -13.34
N SER D 27 -7.05 35.07 -14.59
CA SER D 27 -7.62 33.81 -15.04
C SER D 27 -6.61 32.92 -15.77
N LEU D 28 -6.77 31.61 -15.62
CA LEU D 28 -5.94 30.59 -16.26
C LEU D 28 -6.82 29.44 -16.77
N THR D 29 -6.88 29.30 -18.11
CA THR D 29 -7.69 28.27 -18.77
C THR D 29 -7.01 26.90 -18.63
N LEU D 30 -7.71 25.94 -18.01
CA LEU D 30 -7.18 24.59 -17.82
C LEU D 30 -7.49 23.75 -19.07
N ASP D 31 -6.46 23.60 -19.94
CA ASP D 31 -6.57 22.84 -21.19
C ASP D 31 -5.74 21.57 -21.13
N GLN D 32 -4.41 21.68 -20.90
CA GLN D 32 -3.52 20.52 -20.80
C GLN D 32 -3.61 19.83 -19.43
N SER D 33 -4.17 20.52 -18.43
CA SER D 33 -4.35 20.00 -17.07
C SER D 33 -5.53 19.02 -16.95
N VAL D 34 -6.60 19.25 -17.74
CA VAL D 34 -7.81 18.42 -17.76
C VAL D 34 -8.14 18.04 -19.20
N ALA D 35 -8.18 16.73 -19.51
CA ALA D 35 -8.56 16.28 -20.85
C ALA D 35 -10.08 16.33 -21.01
N LYS D 36 -10.58 16.40 -22.26
CA LYS D 36 -12.02 16.49 -22.58
C LYS D 36 -12.88 15.40 -21.96
N ASN D 37 -12.38 14.16 -21.92
CA ASN D 37 -13.07 12.98 -21.38
C ASN D 37 -13.05 12.89 -19.84
N GLU D 38 -12.08 13.56 -19.19
CA GLU D 38 -11.92 13.51 -17.72
C GLU D 38 -12.35 14.77 -16.95
N LYS D 39 -12.29 14.66 -15.61
CA LYS D 39 -12.61 15.73 -14.66
C LYS D 39 -11.48 15.86 -13.62
N LEU D 40 -11.18 17.09 -13.20
CA LEU D 40 -10.15 17.39 -12.21
C LEU D 40 -10.80 18.06 -11.00
N LYS D 41 -10.80 17.34 -9.87
CA LYS D 41 -11.36 17.78 -8.60
C LYS D 41 -10.23 18.35 -7.74
N LEU D 42 -10.32 19.66 -7.43
CA LEU D 42 -9.32 20.35 -6.61
C LEU D 42 -9.87 20.72 -5.24
N ALA D 43 -9.08 20.49 -4.19
CA ALA D 43 -9.47 20.77 -2.81
C ALA D 43 -8.34 21.40 -2.00
N ALA D 44 -8.67 22.45 -1.20
CA ALA D 44 -7.78 23.19 -0.31
C ALA D 44 -8.57 24.10 0.63
N GLN D 45 -8.09 24.27 1.89
CA GLN D 45 -8.68 25.12 2.94
C GLN D 45 -10.19 24.91 3.16
N GLY D 46 -10.64 23.66 3.09
CA GLY D 46 -12.03 23.28 3.26
C GLY D 46 -12.92 23.49 2.03
N ALA D 47 -12.37 24.09 0.96
CA ALA D 47 -13.09 24.36 -0.29
C ALA D 47 -12.88 23.25 -1.32
N GLU D 48 -13.75 23.19 -2.35
CA GLU D 48 -13.73 22.18 -3.40
C GLU D 48 -14.36 22.68 -4.70
N LYS D 49 -13.77 22.33 -5.85
CA LYS D 49 -14.27 22.67 -7.20
C LYS D 49 -13.81 21.64 -8.24
N THR D 50 -14.69 21.35 -9.22
CA THR D 50 -14.43 20.40 -10.29
C THR D 50 -14.38 21.09 -11.66
N TYR D 51 -13.35 20.74 -12.45
CA TYR D 51 -13.06 21.23 -13.81
C TYR D 51 -12.90 19.94 -14.67
N GLY D 52 -13.16 19.95 -15.98
CA GLY D 52 -13.58 21.08 -16.80
C GLY D 52 -12.52 21.49 -17.80
N ASN D 53 -12.46 20.81 -18.97
CA ASN D 53 -11.50 21.17 -20.03
C ASN D 53 -12.01 22.47 -20.65
N GLY D 54 -11.20 23.51 -20.54
CA GLY D 54 -11.55 24.85 -21.03
C GLY D 54 -12.02 25.76 -19.91
N ASP D 55 -12.35 25.18 -18.73
CA ASP D 55 -12.77 25.92 -17.54
C ASP D 55 -11.61 26.72 -17.00
N SER D 56 -11.90 27.90 -16.44
CA SER D 56 -10.89 28.79 -15.93
C SER D 56 -10.65 28.66 -14.44
N LEU D 57 -9.37 28.71 -14.04
CA LEU D 57 -8.94 28.67 -12.65
C LEU D 57 -8.74 30.13 -12.20
N ASN D 58 -9.40 30.53 -11.11
CA ASN D 58 -9.32 31.89 -10.58
C ASN D 58 -7.96 32.14 -9.90
N THR D 59 -6.92 32.35 -10.74
CA THR D 59 -5.55 32.62 -10.29
C THR D 59 -5.40 33.97 -9.60
N GLY D 60 -6.31 34.92 -9.88
CA GLY D 60 -6.34 36.25 -9.28
C GLY D 60 -6.38 36.27 -7.77
N LYS D 61 -6.96 35.22 -7.16
CA LYS D 61 -7.07 35.06 -5.71
C LYS D 61 -5.80 34.46 -5.09
N LEU D 62 -4.92 33.88 -5.94
CA LEU D 62 -3.66 33.28 -5.52
C LEU D 62 -2.55 34.33 -5.44
N LYS D 63 -1.50 34.06 -4.65
CA LYS D 63 -0.37 34.96 -4.47
C LYS D 63 0.65 34.81 -5.60
N ASN D 64 1.17 35.95 -6.09
CA ASN D 64 2.15 36.01 -7.16
C ASN D 64 3.54 35.59 -6.69
N ASP D 65 4.35 35.06 -7.64
CA ASP D 65 5.74 34.62 -7.46
C ASP D 65 5.93 33.52 -6.41
N LYS D 66 4.87 32.71 -6.18
CA LYS D 66 4.84 31.60 -5.23
C LYS D 66 4.12 30.39 -5.82
N VAL D 67 4.32 29.22 -5.19
CA VAL D 67 3.67 27.96 -5.58
C VAL D 67 2.43 27.77 -4.69
N SER D 68 1.25 27.68 -5.32
CA SER D 68 -0.03 27.45 -4.64
C SER D 68 -0.33 25.96 -4.74
N ARG D 69 -0.59 25.31 -3.60
CA ARG D 69 -0.82 23.87 -3.53
C ARG D 69 -2.26 23.48 -3.26
N PHE D 70 -2.74 22.47 -4.00
CA PHE D 70 -4.09 21.91 -3.92
C PHE D 70 -4.03 20.39 -3.98
N ASP D 71 -5.03 19.72 -3.40
CA ASP D 71 -5.15 18.26 -3.48
C ASP D 71 -5.92 17.99 -4.77
N PHE D 72 -5.36 17.15 -5.66
CA PHE D 72 -6.02 16.84 -6.93
C PHE D 72 -6.52 15.42 -7.03
N ILE D 73 -7.64 15.24 -7.75
CA ILE D 73 -8.24 13.94 -8.05
C ILE D 73 -8.68 13.99 -9.52
N ARG D 74 -8.06 13.14 -10.35
CA ARG D 74 -8.40 13.02 -11.77
C ARG D 74 -9.50 11.96 -11.86
N GLN D 75 -10.71 12.39 -12.27
CA GLN D 75 -11.92 11.56 -12.35
C GLN D 75 -12.45 11.36 -13.76
N ILE D 76 -13.17 10.26 -13.98
CA ILE D 76 -13.85 9.91 -15.22
C ILE D 76 -15.25 9.40 -14.88
N GLU D 77 -16.28 9.80 -15.67
CA GLU D 77 -17.63 9.33 -15.37
C GLU D 77 -17.94 7.99 -16.03
N VAL D 78 -18.08 6.95 -15.20
CA VAL D 78 -18.42 5.59 -15.60
C VAL D 78 -19.67 5.22 -14.80
N ASP D 79 -20.79 4.94 -15.51
CA ASP D 79 -22.10 4.61 -14.96
C ASP D 79 -22.65 5.71 -14.03
N GLY D 80 -22.65 6.95 -14.52
CA GLY D 80 -23.13 8.12 -13.80
C GLY D 80 -22.36 8.54 -12.55
N GLN D 81 -21.23 7.87 -12.25
CA GLN D 81 -20.41 8.17 -11.07
C GLN D 81 -18.95 8.45 -11.43
N LEU D 82 -18.32 9.41 -10.71
CA LEU D 82 -16.93 9.79 -10.94
C LEU D 82 -15.96 8.80 -10.28
N ILE D 83 -15.06 8.20 -11.09
CA ILE D 83 -14.06 7.22 -10.66
C ILE D 83 -12.64 7.79 -10.75
N THR D 84 -11.89 7.72 -9.62
CA THR D 84 -10.51 8.21 -9.48
C THR D 84 -9.53 7.41 -10.34
N LEU D 85 -8.77 8.12 -11.20
CA LEU D 85 -7.76 7.55 -12.09
C LEU D 85 -6.34 7.88 -11.60
N GLU D 86 -6.18 9.09 -11.03
CA GLU D 86 -4.89 9.63 -10.58
C GLU D 86 -5.12 10.68 -9.48
N SER D 87 -4.29 10.66 -8.43
CA SER D 87 -4.38 11.65 -7.35
C SER D 87 -2.99 12.10 -6.84
N GLY D 88 -2.97 13.24 -6.16
CA GLY D 88 -1.75 13.82 -5.60
C GLY D 88 -1.89 15.31 -5.35
N GLU D 89 -0.79 16.05 -5.55
CA GLU D 89 -0.73 17.50 -5.35
C GLU D 89 -0.69 18.27 -6.67
N PHE D 90 -1.53 19.30 -6.78
CA PHE D 90 -1.64 20.19 -7.92
C PHE D 90 -0.96 21.51 -7.55
N GLN D 91 0.09 21.87 -8.30
CA GLN D 91 0.88 23.08 -8.04
C GLN D 91 0.62 24.16 -9.09
N VAL D 92 0.42 25.41 -8.62
CA VAL D 92 0.17 26.57 -9.48
C VAL D 92 1.18 27.65 -9.15
N TYR D 93 1.96 28.09 -10.15
CA TYR D 93 2.90 29.19 -9.99
C TYR D 93 2.34 30.36 -10.78
N LYS D 94 1.95 31.42 -10.07
CA LYS D 94 1.33 32.62 -10.65
C LYS D 94 2.31 33.78 -10.80
N GLN D 95 2.22 34.46 -11.95
CA GLN D 95 2.96 35.67 -12.31
C GLN D 95 1.93 36.72 -12.79
N SER D 96 2.37 37.90 -13.26
CA SER D 96 1.46 38.97 -13.69
C SER D 96 0.79 38.79 -15.07
N HIS D 97 1.49 38.17 -16.03
CA HIS D 97 0.98 37.98 -17.40
C HIS D 97 1.08 36.50 -17.83
N SER D 98 1.55 35.65 -16.91
CA SER D 98 1.74 34.21 -17.15
C SER D 98 1.47 33.39 -15.88
N ALA D 99 1.25 32.08 -16.07
CA ALA D 99 1.02 31.10 -15.01
C ALA D 99 1.21 29.68 -15.54
N LEU D 100 1.66 28.77 -14.68
CA LEU D 100 1.85 27.37 -15.07
C LEU D 100 1.37 26.39 -14.01
N THR D 101 0.90 25.21 -14.47
CA THR D 101 0.41 24.16 -13.58
C THR D 101 1.37 22.96 -13.58
N ALA D 102 1.44 22.27 -12.43
CA ALA D 102 2.28 21.09 -12.24
C ALA D 102 1.52 20.03 -11.46
N PHE D 103 1.77 18.77 -11.80
CA PHE D 103 1.13 17.64 -11.15
C PHE D 103 2.15 16.78 -10.43
N GLN D 104 1.99 16.65 -9.11
CA GLN D 104 2.81 15.78 -8.28
C GLN D 104 1.93 14.58 -7.97
N THR D 105 2.05 13.53 -8.80
CA THR D 105 1.26 12.31 -8.65
C THR D 105 1.75 11.53 -7.43
N GLU D 106 0.80 11.01 -6.65
CA GLU D 106 1.07 10.20 -5.46
C GLU D 106 0.45 8.83 -5.65
N GLN D 107 -0.74 8.79 -6.28
CA GLN D 107 -1.50 7.58 -6.57
C GLN D 107 -2.00 7.58 -8.02
N ILE D 108 -2.08 6.39 -8.63
CA ILE D 108 -2.59 6.15 -10.00
C ILE D 108 -3.33 4.81 -10.05
N GLN D 109 -4.18 4.63 -11.07
CA GLN D 109 -4.89 3.39 -11.32
C GLN D 109 -3.84 2.36 -11.75
N ASP D 110 -3.89 1.15 -11.17
CA ASP D 110 -2.96 0.05 -11.47
C ASP D 110 -2.88 -0.16 -12.97
N SER D 111 -1.65 -0.20 -13.50
CA SER D 111 -1.41 -0.39 -14.93
C SER D 111 -1.90 -1.77 -15.40
N GLU D 112 -1.94 -2.76 -14.50
CA GLU D 112 -2.39 -4.12 -14.79
C GLU D 112 -3.88 -4.39 -14.50
N HIS D 113 -4.52 -3.55 -13.64
CA HIS D 113 -5.91 -3.74 -13.25
C HIS D 113 -6.70 -2.43 -13.16
N SER D 114 -7.88 -2.37 -13.80
CA SER D 114 -8.77 -1.19 -13.82
C SER D 114 -9.35 -0.79 -12.46
N GLY D 115 -9.65 -1.78 -11.61
CA GLY D 115 -10.25 -1.57 -10.31
C GLY D 115 -9.28 -1.42 -9.14
N LYS D 116 -7.96 -1.33 -9.42
CA LYS D 116 -6.94 -1.19 -8.39
C LYS D 116 -6.18 0.14 -8.46
N MET D 117 -5.75 0.67 -7.30
CA MET D 117 -4.97 1.91 -7.18
C MET D 117 -3.61 1.59 -6.55
N VAL D 118 -2.52 2.15 -7.13
CA VAL D 118 -1.14 1.93 -6.67
C VAL D 118 -0.46 3.28 -6.35
N ALA D 119 0.54 3.27 -5.46
CA ALA D 119 1.33 4.45 -5.06
C ALA D 119 2.51 4.66 -6.02
N LYS D 120 2.40 5.66 -6.90
CA LYS D 120 3.46 6.00 -7.87
C LYS D 120 3.71 7.50 -7.85
N ARG D 121 5.00 7.90 -7.76
CA ARG D 121 5.37 9.32 -7.74
C ARG D 121 5.89 9.80 -9.10
N GLN D 122 5.23 10.85 -9.65
CA GLN D 122 5.58 11.47 -10.94
C GLN D 122 5.38 12.98 -10.87
N PHE D 123 6.27 13.73 -11.55
CA PHE D 123 6.19 15.18 -11.62
C PHE D 123 6.14 15.63 -13.08
N ARG D 124 5.03 16.26 -13.49
CA ARG D 124 4.79 16.70 -14.85
C ARG D 124 4.11 18.08 -14.91
N ILE D 125 4.58 18.93 -15.84
CA ILE D 125 4.02 20.27 -16.06
C ILE D 125 2.79 20.17 -16.96
N GLY D 126 1.65 20.70 -16.48
CA GLY D 126 0.38 20.68 -17.20
C GLY D 126 0.28 21.80 -18.22
N ASP D 127 -0.32 22.93 -17.80
CA ASP D 127 -0.50 24.11 -18.63
C ASP D 127 0.59 25.13 -18.42
N ILE D 128 0.92 25.88 -19.48
CA ILE D 128 1.85 27.00 -19.52
C ILE D 128 1.09 28.03 -20.35
N ALA D 129 0.41 28.97 -19.67
CA ALA D 129 -0.42 29.95 -20.38
C ALA D 129 -0.34 31.36 -19.80
N GLY D 130 -1.08 32.27 -20.43
CA GLY D 130 -1.17 33.68 -20.08
C GLY D 130 -1.34 34.54 -21.33
N GLU D 131 -0.95 35.82 -21.22
CA GLU D 131 -1.02 36.80 -22.31
C GLU D 131 0.24 36.65 -23.17
N HIS D 132 0.20 35.73 -24.14
CA HIS D 132 1.32 35.45 -25.05
C HIS D 132 1.78 36.69 -25.79
N THR D 133 3.11 36.90 -25.86
CA THR D 133 3.69 38.02 -26.59
C THR D 133 3.78 37.59 -28.04
N SER D 134 3.34 38.46 -28.96
CA SER D 134 3.42 38.19 -30.39
C SER D 134 4.88 38.35 -30.80
N PHE D 135 5.37 37.40 -31.63
CA PHE D 135 6.73 37.41 -32.17
C PHE D 135 6.98 38.67 -33.01
N ASP D 136 5.91 39.16 -33.66
CA ASP D 136 5.90 40.33 -34.53
C ASP D 136 5.78 41.65 -33.74
N LYS D 137 5.49 41.57 -32.42
CA LYS D 137 5.34 42.72 -31.53
C LYS D 137 6.43 42.80 -30.46
N LEU D 138 7.48 41.97 -30.58
CA LEU D 138 8.61 41.92 -29.66
C LEU D 138 9.46 43.20 -29.76
N PRO D 139 10.16 43.64 -28.68
CA PRO D 139 11.02 44.84 -28.81
C PRO D 139 12.09 44.62 -29.88
N GLU D 140 12.38 45.67 -30.67
CA GLU D 140 13.33 45.63 -31.79
C GLU D 140 14.78 45.41 -31.38
N GLY D 141 15.13 45.80 -30.15
CA GLY D 141 16.48 45.64 -29.60
C GLY D 141 16.54 45.71 -28.09
N GLY D 142 17.76 45.67 -27.57
CA GLY D 142 18.02 45.71 -26.14
C GLY D 142 18.07 44.35 -25.46
N ARG D 143 18.64 44.33 -24.25
CA ARG D 143 18.77 43.12 -23.44
C ARG D 143 17.85 43.19 -22.22
N ALA D 144 17.19 42.06 -21.90
CA ALA D 144 16.30 41.97 -20.75
C ALA D 144 16.65 40.77 -19.86
N THR D 145 16.74 41.01 -18.55
CA THR D 145 17.06 39.98 -17.56
C THR D 145 15.79 39.60 -16.79
N TYR D 146 15.51 38.30 -16.75
CA TYR D 146 14.34 37.71 -16.10
C TYR D 146 14.80 36.92 -14.87
N ARG D 147 14.20 37.23 -13.71
CA ARG D 147 14.51 36.55 -12.45
C ARG D 147 13.25 35.89 -11.90
N GLY D 148 13.38 34.64 -11.47
CA GLY D 148 12.24 33.90 -10.95
C GLY D 148 12.56 32.57 -10.28
N THR D 149 11.60 31.63 -10.38
CA THR D 149 11.66 30.31 -9.74
C THR D 149 11.78 29.14 -10.72
N ALA D 150 12.51 28.10 -10.30
CA ALA D 150 12.67 26.82 -10.98
C ALA D 150 12.16 25.76 -9.98
N PHE D 151 11.09 25.02 -10.34
CA PHE D 151 10.50 24.06 -9.41
C PHE D 151 10.32 22.64 -9.94
N GLY D 152 10.90 21.69 -9.22
CA GLY D 152 10.82 20.26 -9.52
C GLY D 152 10.07 19.51 -8.43
N SER D 153 10.16 18.17 -8.46
CA SER D 153 9.52 17.28 -7.48
C SER D 153 10.06 17.56 -6.07
N ASP D 154 9.14 17.87 -5.13
CA ASP D 154 9.40 18.17 -3.71
C ASP D 154 10.42 19.31 -3.48
N ASP D 155 10.55 20.24 -4.45
CA ASP D 155 11.50 21.35 -4.37
C ASP D 155 11.06 22.58 -5.18
N ALA D 156 10.62 23.62 -4.48
CA ALA D 156 10.20 24.90 -5.05
C ALA D 156 11.21 26.03 -4.74
N GLY D 157 12.36 25.65 -4.20
CA GLY D 157 13.42 26.56 -3.80
C GLY D 157 14.45 26.94 -4.86
N GLY D 158 14.28 26.43 -6.08
CA GLY D 158 15.18 26.72 -7.20
C GLY D 158 15.06 28.14 -7.71
N LYS D 159 16.21 28.72 -8.11
CA LYS D 159 16.32 30.09 -8.63
C LYS D 159 16.61 30.08 -10.13
N LEU D 160 15.79 30.84 -10.89
CA LEU D 160 15.92 30.96 -12.35
C LEU D 160 16.35 32.37 -12.79
N THR D 161 17.39 32.42 -13.63
CA THR D 161 17.92 33.64 -14.23
C THR D 161 17.96 33.41 -15.73
N TYR D 162 17.31 34.28 -16.51
CA TYR D 162 17.24 34.16 -17.97
C TYR D 162 17.43 35.51 -18.65
N THR D 163 18.28 35.56 -19.68
CA THR D 163 18.58 36.78 -20.43
C THR D 163 18.17 36.63 -21.89
N ILE D 164 17.49 37.66 -22.44
CA ILE D 164 17.07 37.70 -23.85
C ILE D 164 17.66 38.92 -24.54
N ASP D 165 18.33 38.69 -25.69
CA ASP D 165 18.87 39.75 -26.54
C ASP D 165 17.86 39.90 -27.67
N PHE D 166 17.05 40.97 -27.63
CA PHE D 166 16.01 41.23 -28.62
C PHE D 166 16.51 41.59 -30.03
N ALA D 167 17.74 42.11 -30.12
CA ALA D 167 18.36 42.46 -31.41
C ALA D 167 18.79 41.20 -32.15
N ALA D 168 19.37 40.23 -31.42
CA ALA D 168 19.83 38.95 -31.97
C ALA D 168 18.72 37.89 -31.97
N LYS D 169 17.59 38.16 -31.26
CA LYS D 169 16.44 37.26 -31.09
C LYS D 169 16.89 35.92 -30.48
N GLN D 170 17.73 36.01 -29.44
CA GLN D 170 18.32 34.87 -28.73
C GLN D 170 18.14 34.97 -27.23
N GLY D 171 18.10 33.80 -26.58
CA GLY D 171 17.97 33.70 -25.13
C GLY D 171 18.84 32.62 -24.53
N ASN D 172 19.29 32.84 -23.29
CA ASN D 172 20.11 31.89 -22.50
C ASN D 172 19.88 32.11 -21.01
N GLY D 173 20.01 31.05 -20.23
CA GLY D 173 19.78 31.11 -18.79
C GLY D 173 20.52 30.12 -17.94
N LYS D 174 20.16 30.07 -16.65
CA LYS D 174 20.77 29.22 -15.63
C LYS D 174 19.77 28.90 -14.51
N ILE D 175 19.90 27.70 -13.93
CA ILE D 175 19.09 27.24 -12.79
C ILE D 175 20.05 27.03 -11.61
N GLU D 176 19.71 27.58 -10.44
CA GLU D 176 20.53 27.48 -9.22
C GLU D 176 19.69 27.14 -7.99
N HIS D 177 20.37 26.67 -6.92
CA HIS D 177 19.84 26.36 -5.59
C HIS D 177 18.86 25.20 -5.40
N LEU D 178 18.65 24.36 -6.45
CA LEU D 178 17.78 23.17 -6.30
C LEU D 178 18.54 22.12 -5.49
N LYS D 179 17.84 21.42 -4.56
CA LYS D 179 18.39 20.38 -3.68
C LYS D 179 19.18 19.32 -4.46
N SER D 180 18.63 18.89 -5.62
CA SER D 180 19.28 17.92 -6.51
C SER D 180 20.32 18.70 -7.34
N PRO D 181 21.64 18.47 -7.11
CA PRO D 181 22.66 19.24 -7.85
C PRO D 181 22.61 19.13 -9.37
N GLU D 182 22.26 17.93 -9.89
CA GLU D 182 22.14 17.63 -11.33
C GLU D 182 21.09 18.47 -12.06
N LEU D 183 20.13 19.05 -11.32
CA LEU D 183 19.05 19.87 -11.89
C LEU D 183 19.42 21.36 -11.99
N ASN D 184 20.57 21.75 -11.41
CA ASN D 184 21.08 23.13 -11.49
C ASN D 184 21.84 23.26 -12.80
N VAL D 185 21.07 23.30 -13.89
CA VAL D 185 21.53 23.30 -15.27
C VAL D 185 21.63 24.67 -15.95
N ASP D 186 22.41 24.72 -17.03
CA ASP D 186 22.56 25.90 -17.88
C ASP D 186 21.57 25.75 -19.02
N LEU D 187 20.81 26.82 -19.29
CA LEU D 187 19.85 26.84 -20.39
C LEU D 187 20.55 27.49 -21.57
N ALA D 188 21.13 26.66 -22.46
CA ALA D 188 21.91 27.04 -23.64
C ALA D 188 21.26 28.09 -24.53
N ALA D 189 22.11 28.84 -25.28
CA ALA D 189 21.70 29.87 -26.23
C ALA D 189 20.74 29.28 -27.27
N ALA D 190 19.56 29.89 -27.38
CA ALA D 190 18.51 29.44 -28.30
C ALA D 190 17.80 30.61 -28.93
N ASP D 191 17.36 30.44 -30.19
CA ASP D 191 16.68 31.46 -30.97
C ASP D 191 15.21 31.60 -30.60
N ILE D 192 14.68 32.83 -30.68
CA ILE D 192 13.26 33.10 -30.47
C ILE D 192 12.61 32.84 -31.82
N LYS D 193 11.57 32.00 -31.85
CA LYS D 193 10.88 31.65 -33.08
C LYS D 193 9.37 31.84 -32.95
N PRO D 194 8.64 32.17 -34.04
CA PRO D 194 7.18 32.27 -33.91
C PRO D 194 6.53 30.88 -33.94
N ASP D 195 5.48 30.67 -33.12
CA ASP D 195 4.76 29.39 -33.13
C ASP D 195 3.66 29.41 -34.21
N GLY D 196 2.77 28.41 -34.19
CA GLY D 196 1.66 28.30 -35.13
C GLY D 196 0.70 29.48 -35.08
N LYS D 197 0.54 30.10 -33.88
CA LYS D 197 -0.31 31.26 -33.65
C LYS D 197 0.52 32.56 -33.66
N ARG D 198 1.81 32.46 -34.06
CA ARG D 198 2.80 33.55 -34.14
C ARG D 198 3.21 34.18 -32.80
N HIS D 199 3.09 33.39 -31.71
CA HIS D 199 3.50 33.76 -30.35
C HIS D 199 5.00 33.51 -30.25
N ALA D 200 5.70 34.38 -29.50
CA ALA D 200 7.14 34.24 -29.29
C ALA D 200 7.47 33.09 -28.34
N VAL D 201 8.20 32.08 -28.86
CA VAL D 201 8.62 30.90 -28.10
C VAL D 201 10.14 30.69 -28.21
N ILE D 202 10.73 30.05 -27.19
CA ILE D 202 12.16 29.72 -27.14
C ILE D 202 12.32 28.25 -26.75
N SER D 203 13.14 27.50 -27.52
CA SER D 203 13.45 26.10 -27.22
C SER D 203 14.91 25.85 -27.53
N GLY D 204 15.61 25.26 -26.55
CA GLY D 204 17.02 24.95 -26.67
C GLY D 204 17.45 23.78 -25.82
N SER D 205 18.77 23.58 -25.73
CA SER D 205 19.39 22.48 -24.97
C SER D 205 19.61 22.80 -23.51
N VAL D 206 19.64 21.76 -22.67
CA VAL D 206 19.90 21.81 -21.24
C VAL D 206 21.28 21.19 -21.04
N LEU D 207 22.17 21.90 -20.32
CA LEU D 207 23.54 21.44 -20.08
C LEU D 207 23.90 21.37 -18.60
N TYR D 208 24.57 20.28 -18.20
CA TYR D 208 25.10 20.08 -16.86
C TYR D 208 26.56 19.67 -17.01
N ASN D 209 27.48 20.54 -16.51
CA ASN D 209 28.94 20.37 -16.62
C ASN D 209 29.39 20.22 -18.08
N GLN D 210 28.85 21.10 -18.94
CA GLN D 210 29.10 21.20 -20.37
C GLN D 210 28.75 19.95 -21.20
N ALA D 211 27.83 19.13 -20.67
CA ALA D 211 27.31 17.93 -21.34
C ALA D 211 25.79 18.09 -21.49
N GLU D 212 25.26 17.76 -22.69
CA GLU D 212 23.82 17.86 -22.98
C GLU D 212 23.03 16.82 -22.20
N LYS D 213 22.08 17.30 -21.38
CA LYS D 213 21.25 16.44 -20.53
C LYS D 213 19.76 16.47 -20.91
N GLY D 214 19.37 17.38 -21.79
CA GLY D 214 17.99 17.49 -22.23
C GLY D 214 17.65 18.76 -22.97
N SER D 215 16.37 19.16 -22.88
CA SER D 215 15.85 20.34 -23.53
C SER D 215 15.00 21.21 -22.61
N TYR D 216 14.81 22.47 -23.00
CA TYR D 216 13.97 23.43 -22.29
C TYR D 216 13.13 24.21 -23.29
N SER D 217 11.95 24.64 -22.87
CA SER D 217 11.06 25.45 -23.69
C SER D 217 10.47 26.57 -22.86
N LEU D 218 10.38 27.77 -23.43
CA LEU D 218 9.82 28.94 -22.78
C LEU D 218 8.93 29.71 -23.73
N GLY D 219 7.91 30.32 -23.16
CA GLY D 219 6.98 31.18 -23.88
C GLY D 219 7.18 32.59 -23.36
N ILE D 220 7.13 33.58 -24.25
CA ILE D 220 7.28 34.98 -23.84
C ILE D 220 5.87 35.53 -23.58
N PHE D 221 5.68 36.13 -22.39
CA PHE D 221 4.37 36.64 -21.96
C PHE D 221 4.37 38.12 -21.58
N GLY D 222 3.28 38.79 -21.91
CA GLY D 222 3.07 40.20 -21.65
C GLY D 222 3.25 41.05 -22.88
N GLY D 223 2.57 42.20 -22.90
CA GLY D 223 2.61 43.17 -23.99
C GLY D 223 3.99 43.73 -24.26
N LYS D 224 4.78 43.94 -23.18
CA LYS D 224 6.14 44.47 -23.26
C LYS D 224 7.20 43.41 -22.96
N ALA D 225 6.85 42.11 -23.19
CA ALA D 225 7.69 40.92 -22.98
C ALA D 225 8.26 40.85 -21.55
N GLN D 226 7.41 41.15 -20.55
CA GLN D 226 7.78 41.20 -19.12
C GLN D 226 8.14 39.85 -18.51
N GLU D 227 7.53 38.76 -18.99
CA GLU D 227 7.73 37.44 -18.41
C GLU D 227 8.09 36.32 -19.39
N VAL D 228 8.65 35.24 -18.81
CA VAL D 228 8.99 33.97 -19.46
C VAL D 228 8.47 32.83 -18.59
N ALA D 229 7.84 31.84 -19.22
CA ALA D 229 7.28 30.68 -18.53
C ALA D 229 7.38 29.44 -19.41
N GLY D 230 7.72 28.33 -18.80
CA GLY D 230 7.86 27.06 -19.50
C GLY D 230 8.36 25.93 -18.62
N SER D 231 9.12 25.00 -19.22
CA SER D 231 9.64 23.83 -18.53
C SER D 231 10.98 23.33 -19.10
N ALA D 232 11.63 22.41 -18.36
CA ALA D 232 12.88 21.76 -18.73
C ALA D 232 12.80 20.28 -18.38
N GLU D 233 13.38 19.42 -19.21
CA GLU D 233 13.42 17.97 -19.02
C GLU D 233 14.89 17.57 -18.99
N VAL D 234 15.36 17.13 -17.81
CA VAL D 234 16.78 16.85 -17.55
C VAL D 234 17.06 15.39 -17.22
N LYS D 235 18.09 14.81 -17.86
CA LYS D 235 18.55 13.45 -17.58
C LYS D 235 19.50 13.51 -16.38
N THR D 236 19.25 12.68 -15.36
CA THR D 236 20.09 12.56 -14.17
C THR D 236 20.52 11.09 -14.05
N VAL D 237 21.41 10.76 -13.08
CA VAL D 237 21.88 9.39 -12.85
C VAL D 237 20.72 8.42 -12.53
N ASN D 238 19.64 8.92 -11.90
CA ASN D 238 18.47 8.11 -11.54
C ASN D 238 17.22 8.34 -12.44
N GLY D 239 17.44 8.87 -13.65
CA GLY D 239 16.37 9.09 -14.61
C GLY D 239 16.10 10.53 -15.02
N ILE D 240 15.07 10.71 -15.88
CA ILE D 240 14.64 12.02 -16.39
C ILE D 240 13.79 12.74 -15.33
N ARG D 241 14.09 14.02 -15.08
CA ARG D 241 13.37 14.85 -14.11
C ARG D 241 12.91 16.15 -14.80
N HIS D 242 11.64 16.53 -14.56
CA HIS D 242 11.05 17.75 -15.14
C HIS D 242 11.08 18.91 -14.15
N ILE D 243 11.33 20.14 -14.67
CA ILE D 243 11.40 21.37 -13.87
C ILE D 243 10.46 22.41 -14.46
N GLY D 244 9.67 23.05 -13.60
CA GLY D 244 8.77 24.14 -13.96
C GLY D 244 9.56 25.42 -13.96
N LEU D 245 9.42 26.24 -15.02
CA LEU D 245 10.16 27.49 -15.16
C LEU D 245 9.26 28.71 -15.30
N ALA D 246 9.56 29.77 -14.53
CA ALA D 246 8.83 31.04 -14.55
C ALA D 246 9.71 32.15 -13.99
N ALA D 247 9.88 33.22 -14.77
CA ALA D 247 10.70 34.38 -14.41
C ALA D 247 10.12 35.67 -14.97
N LYS D 248 10.37 36.78 -14.27
CA LYS D 248 9.87 38.11 -14.65
C LYS D 248 10.98 39.16 -14.66
N GLN D 249 10.78 40.23 -15.43
CA GLN D 249 11.70 41.37 -15.50
C GLN D 249 11.53 42.21 -14.24
N GLU D 250 12.63 42.82 -13.78
CA GLU D 250 12.69 43.66 -12.58
C GLU D 250 12.06 45.03 -12.80
N LYS E 5 -33.62 -27.68 -15.44
CA LYS E 5 -34.02 -28.01 -14.07
C LYS E 5 -33.64 -26.87 -13.09
N PRO E 6 -34.59 -26.41 -12.24
CA PRO E 6 -34.25 -25.38 -11.24
C PRO E 6 -33.32 -25.90 -10.14
N CYS E 7 -32.53 -25.01 -9.50
CA CYS E 7 -31.58 -25.36 -8.45
C CYS E 7 -32.18 -25.32 -7.05
N ASP E 8 -31.97 -26.39 -6.26
CA ASP E 8 -32.44 -26.47 -4.86
C ASP E 8 -31.52 -25.60 -3.98
N TYR E 9 -31.90 -25.39 -2.69
CA TYR E 9 -31.07 -24.58 -1.78
C TYR E 9 -29.63 -25.09 -1.77
N PRO E 10 -28.62 -24.21 -1.99
CA PRO E 10 -27.24 -24.68 -2.04
C PRO E 10 -26.62 -24.94 -0.67
N ASP E 11 -26.18 -26.18 -0.46
CA ASP E 11 -25.52 -26.59 0.77
C ASP E 11 -24.02 -26.40 0.51
N ILE E 12 -23.55 -25.16 0.74
CA ILE E 12 -22.17 -24.75 0.53
C ILE E 12 -21.30 -25.32 1.64
N LYS E 13 -20.41 -26.26 1.29
CA LYS E 13 -19.47 -26.87 2.23
C LYS E 13 -18.47 -25.80 2.67
N HIS E 14 -18.30 -25.63 3.99
CA HIS E 14 -17.40 -24.65 4.62
C HIS E 14 -17.78 -23.19 4.32
N GLY E 15 -19.08 -22.95 4.20
CA GLY E 15 -19.63 -21.63 3.92
C GLY E 15 -21.15 -21.62 3.94
N GLY E 16 -21.72 -20.71 3.16
CA GLY E 16 -23.16 -20.56 3.06
C GLY E 16 -23.58 -19.24 2.44
N LEU E 17 -24.90 -19.08 2.26
CA LEU E 17 -25.47 -17.86 1.68
C LEU E 17 -25.71 -16.81 2.74
N TYR E 18 -25.61 -15.53 2.33
CA TYR E 18 -25.94 -14.40 3.18
C TYR E 18 -27.47 -14.30 3.15
N HIS E 19 -28.09 -13.61 4.14
CA HIS E 19 -29.55 -13.39 4.24
C HIS E 19 -30.38 -14.68 4.04
N GLU E 20 -29.91 -15.82 4.59
CA GLU E 20 -30.53 -17.14 4.43
C GLU E 20 -32.01 -17.24 4.79
N ASN E 21 -32.46 -16.54 5.85
CA ASN E 21 -33.86 -16.53 6.28
C ASN E 21 -34.82 -15.98 5.22
N MET E 22 -34.38 -14.96 4.46
CA MET E 22 -35.18 -14.32 3.41
C MET E 22 -35.14 -15.09 2.09
N ARG E 23 -34.01 -15.77 1.81
CA ARG E 23 -33.79 -16.51 0.56
C ARG E 23 -34.36 -17.92 0.54
N ARG E 24 -34.11 -18.71 1.61
CA ARG E 24 -34.54 -20.11 1.78
C ARG E 24 -36.00 -20.47 1.37
N PRO E 25 -37.07 -19.69 1.74
CA PRO E 25 -38.43 -20.12 1.35
C PRO E 25 -38.77 -20.06 -0.15
N TYR E 26 -37.88 -19.48 -0.97
CA TYR E 26 -38.10 -19.28 -2.40
C TYR E 26 -37.37 -20.26 -3.32
N PHE E 27 -36.77 -21.30 -2.73
CA PHE E 27 -36.05 -22.37 -3.46
C PHE E 27 -37.00 -23.55 -3.73
N PRO E 28 -36.90 -24.28 -4.87
CA PRO E 28 -35.90 -24.17 -5.96
C PRO E 28 -36.01 -22.91 -6.82
N VAL E 29 -34.86 -22.44 -7.33
CA VAL E 29 -34.76 -21.23 -8.16
C VAL E 29 -34.40 -21.54 -9.61
N ALA E 30 -34.87 -20.69 -10.55
CA ALA E 30 -34.64 -20.83 -11.98
C ALA E 30 -33.18 -20.59 -12.39
N VAL E 31 -32.79 -21.14 -13.56
CA VAL E 31 -31.46 -21.00 -14.16
C VAL E 31 -31.23 -19.51 -14.46
N GLY E 32 -30.10 -18.99 -14.02
CA GLY E 32 -29.73 -17.59 -14.20
C GLY E 32 -29.69 -16.83 -12.90
N LYS E 33 -30.37 -17.36 -11.85
CA LYS E 33 -30.41 -16.77 -10.52
C LYS E 33 -29.06 -16.92 -9.81
N TYR E 34 -28.65 -15.89 -9.08
CA TYR E 34 -27.38 -15.84 -8.35
C TYR E 34 -27.56 -15.19 -6.99
N TYR E 35 -26.73 -15.58 -6.01
CA TYR E 35 -26.81 -15.06 -4.65
C TYR E 35 -25.42 -14.88 -4.04
N SER E 36 -25.23 -13.80 -3.26
CA SER E 36 -23.96 -13.53 -2.57
C SER E 36 -23.79 -14.54 -1.45
N TYR E 37 -22.60 -15.17 -1.40
CA TYR E 37 -22.30 -16.19 -0.40
C TYR E 37 -20.98 -15.90 0.31
N TYR E 38 -20.80 -16.48 1.49
CA TYR E 38 -19.58 -16.33 2.30
C TYR E 38 -18.88 -17.68 2.48
N CYS E 39 -17.61 -17.63 2.91
CA CYS E 39 -16.81 -18.81 3.23
C CYS E 39 -16.41 -18.70 4.70
N ASP E 40 -16.42 -19.82 5.42
CA ASP E 40 -16.04 -19.88 6.83
C ASP E 40 -14.55 -19.55 7.02
N GLU E 41 -14.12 -19.36 8.29
CA GLU E 41 -12.72 -19.08 8.64
C GLU E 41 -11.83 -20.21 8.09
N HIS E 42 -10.64 -19.85 7.56
CA HIS E 42 -9.63 -20.74 6.96
C HIS E 42 -10.02 -21.23 5.56
N PHE E 43 -11.14 -20.73 5.02
CA PHE E 43 -11.66 -21.06 3.68
C PHE E 43 -11.75 -19.82 2.80
N GLU E 44 -11.73 -20.03 1.48
CA GLU E 44 -11.65 -18.95 0.49
C GLU E 44 -12.46 -19.24 -0.78
N THR E 45 -13.01 -18.17 -1.41
CA THR E 45 -13.72 -18.30 -2.69
C THR E 45 -12.67 -18.52 -3.81
N PRO E 46 -13.02 -19.06 -5.01
CA PRO E 46 -12.00 -19.23 -6.07
C PRO E 46 -11.31 -17.93 -6.50
N SER E 47 -11.94 -16.77 -6.21
CA SER E 47 -11.42 -15.43 -6.51
C SER E 47 -10.39 -14.94 -5.50
N GLY E 48 -10.29 -15.62 -4.35
CA GLY E 48 -9.35 -15.30 -3.29
C GLY E 48 -9.88 -14.36 -2.23
N SER E 49 -11.21 -14.37 -2.02
CA SER E 49 -11.92 -13.53 -1.05
C SER E 49 -12.74 -14.38 -0.08
N TYR E 50 -13.27 -13.76 0.99
CA TYR E 50 -14.12 -14.46 1.96
C TYR E 50 -15.57 -14.55 1.46
N TRP E 51 -15.91 -13.81 0.38
CA TRP E 51 -17.24 -13.77 -0.21
C TRP E 51 -17.23 -13.56 -1.73
N ASP E 52 -18.28 -14.04 -2.41
CA ASP E 52 -18.50 -13.93 -3.85
C ASP E 52 -19.98 -14.24 -4.18
N HIS E 53 -20.28 -14.64 -5.42
CA HIS E 53 -21.64 -14.98 -5.86
C HIS E 53 -21.70 -16.38 -6.43
N ILE E 54 -22.75 -17.13 -6.05
CA ILE E 54 -22.99 -18.48 -6.56
C ILE E 54 -24.16 -18.41 -7.55
N HIS E 55 -23.96 -18.98 -8.74
CA HIS E 55 -24.92 -18.92 -9.83
C HIS E 55 -25.57 -20.26 -10.13
N CYS E 56 -26.89 -20.24 -10.40
CA CYS E 56 -27.63 -21.44 -10.77
C CYS E 56 -27.56 -21.55 -12.31
N THR E 57 -26.75 -22.51 -12.79
CA THR E 57 -26.55 -22.75 -14.23
C THR E 57 -27.30 -24.02 -14.65
N GLN E 58 -27.26 -24.34 -15.96
CA GLN E 58 -27.88 -25.54 -16.54
C GLN E 58 -27.27 -26.83 -15.97
N ASP E 59 -26.00 -26.78 -15.53
CA ASP E 59 -25.28 -27.91 -14.94
C ASP E 59 -25.28 -27.88 -13.39
N GLY E 60 -26.04 -26.95 -12.81
CA GLY E 60 -26.17 -26.79 -11.36
C GLY E 60 -25.51 -25.53 -10.83
N TRP E 61 -25.18 -25.52 -9.53
CA TRP E 61 -24.55 -24.38 -8.87
C TRP E 61 -23.10 -24.17 -9.31
N SER E 62 -22.75 -22.91 -9.67
CA SER E 62 -21.41 -22.52 -10.11
C SER E 62 -20.89 -21.36 -9.24
N PRO E 63 -19.69 -21.48 -8.61
CA PRO E 63 -18.73 -22.59 -8.68
C PRO E 63 -19.18 -23.86 -7.94
N ALA E 64 -18.76 -25.03 -8.47
CA ALA E 64 -19.07 -26.35 -7.90
C ALA E 64 -18.46 -26.52 -6.51
N VAL E 65 -17.25 -25.96 -6.31
CA VAL E 65 -16.53 -25.93 -5.03
C VAL E 65 -16.47 -24.42 -4.67
N PRO E 66 -17.49 -23.89 -3.96
CA PRO E 66 -17.50 -22.45 -3.67
C PRO E 66 -16.47 -22.00 -2.63
N CYS E 67 -16.14 -22.88 -1.68
CA CYS E 67 -15.18 -22.57 -0.62
C CYS E 67 -14.02 -23.58 -0.59
N LEU E 68 -12.81 -23.06 -0.84
CA LEU E 68 -11.56 -23.84 -0.88
C LEU E 68 -10.71 -23.56 0.34
N ARG E 69 -10.07 -24.60 0.86
CA ARG E 69 -9.19 -24.56 2.03
C ARG E 69 -7.90 -23.83 1.71
N LYS E 70 -7.46 -22.99 2.66
CA LYS E 70 -6.21 -22.26 2.58
C LYS E 70 -5.22 -23.00 3.48
N CYS E 71 -4.08 -23.39 2.92
CA CYS E 71 -3.02 -24.03 3.70
C CYS E 71 -1.82 -23.10 3.73
N TYR E 72 -1.43 -22.67 4.93
CA TYR E 72 -0.26 -21.83 5.12
C TYR E 72 0.91 -22.75 5.44
N PHE E 73 2.00 -22.65 4.65
CA PHE E 73 3.17 -23.51 4.85
C PHE E 73 3.84 -23.25 6.20
N PRO E 74 3.99 -24.28 7.05
CA PRO E 74 4.55 -24.04 8.38
C PRO E 74 6.07 -23.88 8.43
N TYR E 75 6.56 -23.42 9.58
CA TYR E 75 7.99 -23.27 9.84
C TYR E 75 8.58 -24.67 9.98
N LEU E 76 9.73 -24.90 9.35
CA LEU E 76 10.43 -26.18 9.44
C LEU E 76 11.58 -26.01 10.41
N GLU E 77 11.50 -26.70 11.56
CA GLU E 77 12.51 -26.68 12.62
C GLU E 77 13.88 -27.05 12.06
N ASN E 78 13.96 -28.15 11.29
CA ASN E 78 15.19 -28.63 10.67
C ASN E 78 15.06 -28.77 9.15
N GLY E 79 14.59 -27.70 8.52
CA GLY E 79 14.40 -27.60 7.07
C GLY E 79 14.51 -26.19 6.56
N TYR E 80 14.56 -26.03 5.22
CA TYR E 80 14.68 -24.73 4.57
C TYR E 80 13.35 -23.99 4.58
N ASN E 81 13.37 -22.74 5.10
CA ASN E 81 12.19 -21.91 5.33
C ASN E 81 11.86 -20.78 4.34
N GLN E 82 12.12 -21.00 3.03
CA GLN E 82 11.80 -19.99 2.00
C GLN E 82 10.28 -19.82 1.78
N ASN E 83 9.49 -20.87 2.07
CA ASN E 83 8.04 -20.88 1.91
C ASN E 83 7.26 -20.71 3.22
N HIS E 84 7.94 -20.34 4.33
CA HIS E 84 7.32 -20.15 5.64
C HIS E 84 6.32 -18.99 5.61
N GLY E 85 5.07 -19.31 5.90
CA GLY E 85 3.97 -18.34 5.93
C GLY E 85 3.24 -18.17 4.61
N ARG E 86 3.77 -18.76 3.52
CA ARG E 86 3.19 -18.70 2.18
C ARG E 86 1.85 -19.45 2.11
N LYS E 87 0.84 -18.81 1.51
CA LYS E 87 -0.51 -19.36 1.37
C LYS E 87 -0.64 -20.21 0.11
N PHE E 88 -1.30 -21.36 0.24
CA PHE E 88 -1.57 -22.30 -0.84
C PHE E 88 -3.05 -22.66 -0.82
N VAL E 89 -3.72 -22.59 -1.98
CA VAL E 89 -5.14 -22.92 -2.08
C VAL E 89 -5.29 -24.43 -2.28
N GLN E 90 -6.49 -24.97 -1.93
CA GLN E 90 -6.85 -26.39 -2.04
C GLN E 90 -6.58 -26.94 -3.46
N GLY E 91 -5.81 -28.02 -3.52
CA GLY E 91 -5.42 -28.69 -4.77
C GLY E 91 -3.99 -28.42 -5.20
N LYS E 92 -3.39 -27.36 -4.63
CA LYS E 92 -2.02 -26.96 -4.94
C LYS E 92 -0.98 -27.69 -4.11
N SER E 93 0.18 -27.99 -4.74
CA SER E 93 1.28 -28.72 -4.12
C SER E 93 2.58 -27.90 -4.03
N ILE E 94 3.48 -28.29 -3.12
CA ILE E 94 4.79 -27.67 -2.90
C ILE E 94 5.82 -28.70 -2.40
N ASP E 95 7.07 -28.57 -2.83
CA ASP E 95 8.15 -29.45 -2.41
C ASP E 95 8.70 -29.05 -1.03
N VAL E 96 9.19 -30.05 -0.28
CA VAL E 96 9.76 -29.85 1.06
C VAL E 96 11.27 -30.12 1.02
N ALA E 97 12.09 -29.09 1.33
CA ALA E 97 13.55 -29.20 1.37
C ALA E 97 14.01 -29.21 2.82
N CYS E 98 14.50 -30.37 3.28
CA CYS E 98 14.98 -30.56 4.64
C CYS E 98 16.50 -30.36 4.74
N HIS E 99 16.99 -30.05 5.96
CA HIS E 99 18.42 -29.88 6.26
C HIS E 99 19.11 -31.24 6.19
N PRO E 100 20.43 -31.32 5.86
CA PRO E 100 21.09 -32.65 5.84
C PRO E 100 20.93 -33.42 7.14
N GLY E 101 20.61 -34.70 7.03
CA GLY E 101 20.35 -35.57 8.18
C GLY E 101 18.88 -35.62 8.58
N TYR E 102 18.03 -34.88 7.84
CA TYR E 102 16.58 -34.80 8.06
C TYR E 102 15.83 -35.04 6.74
N ALA E 103 14.61 -35.59 6.81
CA ALA E 103 13.79 -35.89 5.62
C ALA E 103 12.30 -35.90 5.95
N LEU E 104 11.46 -35.73 4.93
CA LEU E 104 10.01 -35.80 5.04
C LEU E 104 9.69 -37.32 5.10
N PRO E 105 8.84 -37.78 6.05
CA PRO E 105 8.57 -39.23 6.16
C PRO E 105 8.19 -39.96 4.88
N LYS E 106 8.61 -41.24 4.78
CA LYS E 106 8.36 -42.17 3.67
C LYS E 106 8.93 -41.73 2.31
N ALA E 107 9.95 -40.84 2.32
CA ALA E 107 10.63 -40.26 1.15
C ALA E 107 9.63 -39.71 0.11
N GLN E 108 8.69 -38.86 0.57
CA GLN E 108 7.60 -38.29 -0.22
C GLN E 108 7.96 -37.04 -1.03
N THR E 109 8.78 -36.13 -0.47
CA THR E 109 9.25 -34.87 -1.08
C THR E 109 8.18 -33.75 -1.29
N THR E 110 6.91 -34.12 -1.60
CA THR E 110 5.84 -33.15 -1.90
C THR E 110 4.65 -33.21 -0.93
N VAL E 111 4.11 -32.02 -0.57
CA VAL E 111 2.92 -31.87 0.29
C VAL E 111 1.80 -31.20 -0.50
N THR E 112 0.56 -31.67 -0.33
CA THR E 112 -0.61 -31.15 -1.04
C THR E 112 -1.65 -30.55 -0.10
N CYS E 113 -2.19 -29.36 -0.43
CA CYS E 113 -3.22 -28.70 0.36
C CYS E 113 -4.57 -29.34 0.04
N MET E 114 -5.15 -30.06 1.03
CA MET E 114 -6.44 -30.76 0.92
C MET E 114 -7.51 -30.01 1.72
N GLU E 115 -8.75 -30.56 1.75
CA GLU E 115 -9.91 -29.99 2.45
C GLU E 115 -9.69 -29.77 3.96
N ASN E 116 -8.93 -30.66 4.62
CA ASN E 116 -8.66 -30.57 6.07
C ASN E 116 -7.22 -30.17 6.40
N GLY E 117 -6.49 -29.67 5.40
CA GLY E 117 -5.12 -29.23 5.55
C GLY E 117 -4.14 -29.98 4.68
N TRP E 118 -2.85 -29.84 5.00
CA TRP E 118 -1.71 -30.42 4.31
C TRP E 118 -1.69 -31.95 4.37
N SER E 119 -1.40 -32.59 3.23
CA SER E 119 -1.30 -34.05 3.14
C SER E 119 -0.07 -34.48 2.31
N PRO E 120 0.99 -35.05 2.95
CA PRO E 120 1.15 -35.31 4.38
C PRO E 120 1.51 -34.03 5.17
N THR E 121 1.70 -34.15 6.51
CA THR E 121 2.07 -33.03 7.36
C THR E 121 3.52 -32.61 7.02
N PRO E 122 3.78 -31.32 6.67
CA PRO E 122 5.15 -30.92 6.33
C PRO E 122 6.06 -30.82 7.54
N ARG E 123 6.88 -31.89 7.74
CA ARG E 123 7.84 -32.08 8.83
C ARG E 123 9.17 -32.60 8.25
N CYS E 124 10.28 -32.41 8.99
CA CYS E 124 11.60 -32.91 8.63
C CYS E 124 12.10 -33.78 9.81
N ILE E 125 11.55 -35.00 9.91
CA ILE E 125 11.77 -36.02 10.97
C ILE E 125 11.72 -35.48 12.40
N GLY F 9 -24.75 12.69 16.39
CA GLY F 9 -24.87 11.56 17.30
C GLY F 9 -23.95 10.39 17.02
N LEU F 10 -22.96 10.58 16.13
CA LEU F 10 -21.99 9.53 15.75
C LEU F 10 -21.10 9.11 16.91
N ALA F 11 -20.58 10.09 17.68
CA ALA F 11 -19.73 9.86 18.85
C ALA F 11 -20.51 9.22 20.00
N ASP F 12 -21.77 9.66 20.20
CA ASP F 12 -22.67 9.15 21.24
C ASP F 12 -23.01 7.67 21.01
N ALA F 13 -23.19 7.28 19.72
CA ALA F 13 -23.49 5.90 19.31
C ALA F 13 -22.35 4.95 19.69
N LEU F 14 -21.10 5.46 19.72
CA LEU F 14 -19.89 4.70 20.03
C LEU F 14 -19.52 4.72 21.52
N THR F 15 -19.82 5.82 22.23
CA THR F 15 -19.45 5.97 23.64
C THR F 15 -20.58 5.78 24.66
N ALA F 16 -21.73 6.46 24.46
CA ALA F 16 -22.87 6.41 25.38
C ALA F 16 -23.54 5.03 25.51
N PRO F 17 -23.89 4.58 26.75
CA PRO F 17 -24.54 3.28 26.89
C PRO F 17 -25.99 3.26 26.39
N LEU F 18 -26.57 2.06 26.28
CA LEU F 18 -27.94 1.87 25.78
C LEU F 18 -28.98 2.39 26.73
N ASP F 19 -29.91 3.19 26.19
CA ASP F 19 -31.00 3.79 26.92
C ASP F 19 -32.30 3.36 26.25
N HIS F 20 -33.19 2.70 27.01
CA HIS F 20 -34.47 2.18 26.53
C HIS F 20 -35.49 3.28 26.14
N LYS F 21 -35.17 4.56 26.37
CA LYS F 21 -36.06 5.68 26.05
C LYS F 21 -35.76 6.42 24.72
N ASP F 22 -34.53 6.24 24.16
CA ASP F 22 -34.09 6.87 22.89
C ASP F 22 -35.01 6.56 21.69
N LYS F 23 -34.96 7.40 20.62
CA LYS F 23 -35.76 7.21 19.41
C LYS F 23 -35.37 5.89 18.72
N GLY F 24 -36.37 5.04 18.48
CA GLY F 24 -36.20 3.74 17.85
C GLY F 24 -35.78 3.83 16.39
N LEU F 25 -35.07 2.83 15.82
CA LEU F 25 -34.60 1.59 16.46
C LEU F 25 -33.42 1.90 17.41
N GLN F 26 -33.59 1.57 18.69
CA GLN F 26 -32.63 1.83 19.78
C GLN F 26 -31.34 1.02 19.68
N SER F 27 -31.47 -0.29 19.39
CA SER F 27 -30.33 -1.21 19.34
C SER F 27 -30.32 -2.05 18.07
N LEU F 28 -29.11 -2.40 17.62
CA LEU F 28 -28.88 -3.23 16.43
C LEU F 28 -27.73 -4.21 16.71
N THR F 29 -28.06 -5.51 16.74
CA THR F 29 -27.10 -6.59 16.99
C THR F 29 -26.23 -6.81 15.77
N LEU F 30 -24.91 -6.66 15.93
CA LEU F 30 -23.93 -6.86 14.87
C LEU F 30 -23.56 -8.34 14.78
N ASP F 31 -24.20 -9.06 13.83
CA ASP F 31 -23.99 -10.49 13.61
C ASP F 31 -23.30 -10.75 12.27
N GLN F 32 -23.90 -10.30 11.16
CA GLN F 32 -23.34 -10.46 9.82
C GLN F 32 -22.24 -9.43 9.53
N SER F 33 -22.17 -8.33 10.32
CA SER F 33 -21.18 -7.27 10.18
C SER F 33 -19.81 -7.66 10.74
N VAL F 34 -19.79 -8.48 11.82
CA VAL F 34 -18.57 -8.94 12.49
C VAL F 34 -18.63 -10.46 12.64
N ALA F 35 -17.67 -11.18 12.05
CA ALA F 35 -17.62 -12.64 12.20
C ALA F 35 -17.02 -12.99 13.57
N LYS F 36 -17.28 -14.21 14.08
CA LYS F 36 -16.83 -14.69 15.40
C LYS F 36 -15.30 -14.59 15.61
N ASN F 37 -14.52 -14.89 14.56
CA ASN F 37 -13.06 -14.87 14.57
C ASN F 37 -12.44 -13.46 14.46
N GLU F 38 -13.19 -12.49 13.93
CA GLU F 38 -12.71 -11.13 13.73
C GLU F 38 -13.25 -10.06 14.68
N LYS F 39 -12.71 -8.83 14.54
CA LYS F 39 -13.07 -7.65 15.31
C LYS F 39 -13.31 -6.47 14.36
N LEU F 40 -14.30 -5.63 14.67
CA LEU F 40 -14.65 -4.45 13.87
C LEU F 40 -14.47 -3.18 14.72
N LYS F 41 -13.47 -2.37 14.34
CA LYS F 41 -13.12 -1.13 15.00
C LYS F 41 -13.78 0.03 14.24
N LEU F 42 -14.71 0.74 14.91
CA LEU F 42 -15.43 1.87 14.33
C LEU F 42 -14.99 3.19 14.95
N ALA F 43 -14.77 4.21 14.10
CA ALA F 43 -14.33 5.54 14.53
C ALA F 43 -15.07 6.67 13.80
N ALA F 44 -15.48 7.71 14.56
CA ALA F 44 -16.18 8.92 14.08
C ALA F 44 -16.22 9.98 15.18
N GLN F 45 -16.12 11.27 14.80
CA GLN F 45 -16.19 12.45 15.69
C GLN F 45 -15.25 12.37 16.92
N GLY F 46 -14.05 11.82 16.73
CA GLY F 46 -13.06 11.65 17.78
C GLY F 46 -13.28 10.46 18.70
N ALA F 47 -14.41 9.74 18.53
CA ALA F 47 -14.75 8.56 19.33
C ALA F 47 -14.32 7.26 18.65
N GLU F 48 -14.25 6.16 19.43
CA GLU F 48 -13.80 4.84 18.97
C GLU F 48 -14.40 3.71 19.81
N LYS F 49 -14.80 2.60 19.16
CA LYS F 49 -15.34 1.39 19.80
C LYS F 49 -15.07 0.14 18.95
N THR F 50 -14.79 -0.99 19.63
CA THR F 50 -14.51 -2.29 18.99
C THR F 50 -15.59 -3.32 19.31
N TYR F 51 -16.05 -4.02 18.27
CA TYR F 51 -17.06 -5.09 18.29
C TYR F 51 -16.39 -6.30 17.58
N GLY F 52 -16.76 -7.55 17.85
CA GLY F 52 -17.79 -8.00 18.78
C GLY F 52 -18.96 -8.64 18.07
N ASN F 53 -18.85 -9.94 17.73
CA ASN F 53 -19.95 -10.68 17.11
C ASN F 53 -21.02 -10.90 18.19
N GLY F 54 -22.20 -10.34 17.95
CA GLY F 54 -23.32 -10.39 18.90
C GLY F 54 -23.46 -9.10 19.68
N ASP F 55 -22.41 -8.23 19.64
CA ASP F 55 -22.41 -6.93 20.32
C ASP F 55 -23.40 -6.00 19.66
N SER F 56 -24.04 -5.14 20.44
CA SER F 56 -25.05 -4.22 19.94
C SER F 56 -24.51 -2.84 19.62
N LEU F 57 -24.98 -2.28 18.49
CA LEU F 57 -24.64 -0.94 18.04
C LEU F 57 -25.76 0.00 18.52
N ASN F 58 -25.40 1.05 19.26
CA ASN F 58 -26.35 2.02 19.80
C ASN F 58 -26.91 2.92 18.70
N THR F 59 -27.85 2.38 17.91
CA THR F 59 -28.51 3.08 16.81
C THR F 59 -29.45 4.20 17.29
N GLY F 60 -29.89 4.11 18.55
CA GLY F 60 -30.76 5.09 19.20
C GLY F 60 -30.22 6.51 19.23
N LYS F 61 -28.88 6.66 19.18
CA LYS F 61 -28.17 7.93 19.17
C LYS F 61 -28.02 8.49 17.74
N LEU F 62 -28.25 7.65 16.72
CA LEU F 62 -28.16 8.03 15.30
C LEU F 62 -29.48 8.62 14.79
N LYS F 63 -29.42 9.42 13.72
CA LYS F 63 -30.57 10.06 13.10
C LYS F 63 -31.33 9.12 12.16
N ASN F 64 -32.67 9.15 12.24
CA ASN F 64 -33.56 8.32 11.44
C ASN F 64 -33.66 8.79 9.99
N ASP F 65 -33.92 7.85 9.07
CA ASP F 65 -34.12 8.06 7.62
C ASP F 65 -32.90 8.68 6.90
N LYS F 66 -31.70 8.45 7.46
CA LYS F 66 -30.43 8.95 6.93
C LYS F 66 -29.35 7.89 7.03
N VAL F 67 -28.25 8.09 6.29
CA VAL F 67 -27.08 7.20 6.31
C VAL F 67 -26.05 7.80 7.28
N SER F 68 -25.68 7.02 8.32
CA SER F 68 -24.69 7.40 9.32
C SER F 68 -23.36 6.77 8.92
N ARG F 69 -22.31 7.58 8.80
CA ARG F 69 -20.99 7.14 8.33
C ARG F 69 -19.93 7.06 9.43
N PHE F 70 -19.16 5.96 9.41
CA PHE F 70 -18.08 5.65 10.35
C PHE F 70 -16.87 5.10 9.59
N ASP F 71 -15.67 5.27 10.14
CA ASP F 71 -14.45 4.69 9.57
C ASP F 71 -14.35 3.29 10.15
N PHE F 72 -14.22 2.26 9.30
CA PHE F 72 -14.14 0.88 9.79
C PHE F 72 -12.79 0.24 9.56
N ILE F 73 -12.39 -0.66 10.48
CA ILE F 73 -11.18 -1.47 10.42
C ILE F 73 -11.59 -2.88 10.85
N ARG F 74 -11.54 -3.84 9.90
CA ARG F 74 -11.85 -5.24 10.16
C ARG F 74 -10.54 -5.92 10.52
N GLN F 75 -10.43 -6.40 11.77
CA GLN F 75 -9.22 -7.02 12.30
C GLN F 75 -9.34 -8.52 12.52
N ILE F 76 -8.24 -9.25 12.29
CA ILE F 76 -8.09 -10.69 12.52
C ILE F 76 -6.83 -10.93 13.35
N GLU F 77 -6.80 -12.02 14.13
CA GLU F 77 -5.68 -12.36 14.99
C GLU F 77 -4.74 -13.40 14.37
N VAL F 78 -3.51 -12.97 14.08
CA VAL F 78 -2.42 -13.80 13.53
C VAL F 78 -1.25 -13.67 14.52
N ASP F 79 -0.85 -14.80 15.14
CA ASP F 79 0.21 -14.90 16.14
C ASP F 79 -0.04 -14.00 17.37
N GLY F 80 -1.23 -14.13 17.95
CA GLY F 80 -1.67 -13.38 19.12
C GLY F 80 -1.83 -11.88 18.97
N GLN F 81 -1.65 -11.35 17.75
CA GLN F 81 -1.77 -9.91 17.47
C GLN F 81 -2.79 -9.60 16.38
N LEU F 82 -3.53 -8.49 16.55
CA LEU F 82 -4.55 -8.05 15.61
C LEU F 82 -3.97 -7.34 14.40
N ILE F 83 -4.31 -7.85 13.20
CA ILE F 83 -3.87 -7.29 11.91
C ILE F 83 -5.07 -6.82 11.10
N THR F 84 -4.90 -5.76 10.31
CA THR F 84 -5.96 -5.21 9.47
C THR F 84 -6.21 -6.10 8.25
N LEU F 85 -7.43 -6.67 8.16
CA LEU F 85 -7.87 -7.51 7.05
C LEU F 85 -8.40 -6.59 5.94
N GLU F 86 -9.31 -5.67 6.30
CA GLU F 86 -9.88 -4.69 5.39
C GLU F 86 -10.35 -3.44 6.11
N SER F 87 -10.38 -2.30 5.39
CA SER F 87 -10.79 -1.01 5.91
C SER F 87 -11.59 -0.21 4.88
N GLY F 88 -12.29 0.81 5.38
CA GLY F 88 -13.11 1.69 4.56
C GLY F 88 -14.18 2.42 5.36
N GLU F 89 -15.36 2.62 4.75
CA GLU F 89 -16.49 3.30 5.37
C GLU F 89 -17.61 2.33 5.74
N PHE F 90 -18.11 2.47 6.98
CA PHE F 90 -19.21 1.69 7.53
C PHE F 90 -20.46 2.57 7.52
N GLN F 91 -21.50 2.12 6.81
CA GLN F 91 -22.76 2.86 6.67
C GLN F 91 -23.89 2.24 7.46
N VAL F 92 -24.67 3.08 8.15
CA VAL F 92 -25.83 2.65 8.94
C VAL F 92 -27.05 3.46 8.53
N TYR F 93 -28.12 2.77 8.06
CA TYR F 93 -29.37 3.43 7.72
C TYR F 93 -30.38 3.03 8.78
N LYS F 94 -30.84 4.02 9.56
CA LYS F 94 -31.75 3.83 10.67
C LYS F 94 -33.20 4.21 10.34
N GLN F 95 -34.13 3.35 10.78
CA GLN F 95 -35.58 3.55 10.70
C GLN F 95 -36.13 3.30 12.12
N SER F 96 -37.46 3.35 12.30
CA SER F 96 -38.09 3.18 13.63
C SER F 96 -38.17 1.75 14.16
N HIS F 97 -38.36 0.77 13.26
CA HIS F 97 -38.52 -0.64 13.65
C HIS F 97 -37.50 -1.54 12.92
N SER F 98 -36.64 -0.92 12.08
CA SER F 98 -35.63 -1.61 11.28
C SER F 98 -34.37 -0.76 11.10
N ALA F 99 -33.26 -1.42 10.73
CA ALA F 99 -31.95 -0.81 10.47
C ALA F 99 -31.07 -1.77 9.68
N LEU F 100 -30.19 -1.23 8.84
CA LEU F 100 -29.27 -2.05 8.06
C LEU F 100 -27.86 -1.47 7.98
N THR F 101 -26.85 -2.34 7.88
CA THR F 101 -25.45 -1.96 7.79
C THR F 101 -24.89 -2.22 6.40
N ALA F 102 -23.94 -1.38 5.98
CA ALA F 102 -23.28 -1.49 4.68
C ALA F 102 -21.79 -1.22 4.82
N PHE F 103 -20.99 -1.94 4.04
CA PHE F 103 -19.54 -1.79 4.04
C PHE F 103 -19.04 -1.28 2.71
N GLN F 104 -18.40 -0.11 2.71
CA GLN F 104 -17.74 0.44 1.54
C GLN F 104 -16.26 0.21 1.78
N THR F 105 -15.74 -0.87 1.20
CA THR F 105 -14.34 -1.26 1.32
C THR F 105 -13.49 -0.31 0.47
N GLU F 106 -12.34 0.10 1.01
CA GLU F 106 -11.38 0.97 0.33
C GLU F 106 -10.04 0.25 0.22
N GLN F 107 -9.63 -0.46 1.29
CA GLN F 107 -8.39 -1.21 1.37
C GLN F 107 -8.68 -2.66 1.75
N ILE F 108 -8.07 -3.63 1.05
CA ILE F 108 -8.19 -5.08 1.29
C ILE F 108 -6.78 -5.66 1.39
N GLN F 109 -6.59 -6.67 2.26
CA GLN F 109 -5.33 -7.38 2.40
C GLN F 109 -5.08 -8.13 1.07
N ASP F 110 -3.85 -8.06 0.55
CA ASP F 110 -3.48 -8.72 -0.71
C ASP F 110 -3.63 -10.24 -0.53
N SER F 111 -4.39 -10.90 -1.44
CA SER F 111 -4.59 -12.35 -1.41
C SER F 111 -3.28 -13.11 -1.66
N GLU F 112 -2.33 -12.46 -2.37
CA GLU F 112 -1.02 -13.03 -2.71
C GLU F 112 0.09 -12.68 -1.70
N HIS F 113 -0.08 -11.58 -0.92
CA HIS F 113 0.93 -11.13 0.05
C HIS F 113 0.31 -10.65 1.37
N SER F 114 0.79 -11.20 2.49
CA SER F 114 0.30 -10.87 3.84
C SER F 114 0.57 -9.43 4.29
N GLY F 115 1.72 -8.88 3.86
CA GLY F 115 2.15 -7.54 4.24
C GLY F 115 1.74 -6.42 3.30
N LYS F 116 0.89 -6.71 2.31
CA LYS F 116 0.43 -5.71 1.34
C LYS F 116 -1.07 -5.44 1.44
N MET F 117 -1.44 -4.16 1.26
CA MET F 117 -2.82 -3.70 1.25
C MET F 117 -3.13 -3.22 -0.16
N VAL F 118 -4.18 -3.77 -0.76
CA VAL F 118 -4.60 -3.43 -2.12
C VAL F 118 -5.77 -2.44 -2.04
N ALA F 119 -5.64 -1.30 -2.74
CA ALA F 119 -6.71 -0.32 -2.78
C ALA F 119 -7.76 -0.83 -3.78
N LYS F 120 -8.76 -1.56 -3.25
CA LYS F 120 -9.86 -2.14 -4.02
C LYS F 120 -11.18 -1.79 -3.36
N ARG F 121 -12.14 -1.36 -4.17
CA ARG F 121 -13.45 -0.87 -3.77
C ARG F 121 -14.55 -1.90 -3.92
N GLN F 122 -15.28 -2.18 -2.82
CA GLN F 122 -16.40 -3.13 -2.78
C GLN F 122 -17.53 -2.60 -1.89
N PHE F 123 -18.78 -2.87 -2.29
CA PHE F 123 -19.96 -2.45 -1.54
C PHE F 123 -20.83 -3.66 -1.21
N ARG F 124 -20.98 -3.95 0.09
CA ARG F 124 -21.73 -5.11 0.59
C ARG F 124 -22.59 -4.76 1.81
N ILE F 125 -23.84 -5.28 1.84
CA ILE F 125 -24.78 -5.10 2.94
C ILE F 125 -24.47 -6.14 4.02
N GLY F 126 -24.22 -5.65 5.24
CA GLY F 126 -23.92 -6.51 6.38
C GLY F 126 -25.15 -7.08 7.02
N ASP F 127 -25.65 -6.40 8.06
CA ASP F 127 -26.85 -6.80 8.80
C ASP F 127 -28.10 -6.10 8.31
N ILE F 128 -29.25 -6.78 8.42
CA ILE F 128 -30.60 -6.31 8.12
C ILE F 128 -31.43 -6.81 9.31
N ALA F 129 -31.71 -5.91 10.28
CA ALA F 129 -32.43 -6.30 11.49
C ALA F 129 -33.42 -5.27 12.03
N GLY F 130 -34.13 -5.66 13.08
CA GLY F 130 -35.13 -4.85 13.76
C GLY F 130 -36.25 -5.68 14.36
N GLU F 131 -37.39 -5.03 14.65
CA GLU F 131 -38.56 -5.71 15.21
C GLU F 131 -39.35 -6.33 14.05
N HIS F 132 -38.99 -7.58 13.71
CA HIS F 132 -39.60 -8.36 12.63
C HIS F 132 -41.09 -8.55 12.83
N THR F 133 -41.88 -8.35 11.77
CA THR F 133 -43.32 -8.55 11.79
C THR F 133 -43.56 -10.05 11.60
N SER F 134 -44.44 -10.62 12.42
CA SER F 134 -44.81 -12.02 12.31
C SER F 134 -45.72 -12.17 11.09
N PHE F 135 -45.48 -13.22 10.29
CA PHE F 135 -46.26 -13.54 9.09
C PHE F 135 -47.72 -13.83 9.47
N ASP F 136 -47.92 -14.38 10.69
CA ASP F 136 -49.22 -14.74 11.24
C ASP F 136 -49.94 -13.54 11.89
N LYS F 137 -49.23 -12.40 12.04
CA LYS F 137 -49.78 -11.17 12.64
C LYS F 137 -49.89 -10.01 11.64
N LEU F 138 -49.70 -10.30 10.34
CA LEU F 138 -49.79 -9.34 9.24
C LEU F 138 -51.24 -8.85 9.06
N PRO F 139 -51.48 -7.60 8.57
CA PRO F 139 -52.88 -7.16 8.33
C PRO F 139 -53.59 -8.09 7.34
N GLU F 140 -54.88 -8.37 7.59
CA GLU F 140 -55.70 -9.29 6.80
C GLU F 140 -55.97 -8.84 5.36
N GLY F 141 -55.95 -7.53 5.14
CA GLY F 141 -56.18 -6.94 3.82
C GLY F 141 -55.67 -5.52 3.70
N GLY F 142 -55.94 -4.91 2.55
CA GLY F 142 -55.55 -3.55 2.22
C GLY F 142 -54.20 -3.43 1.55
N ARG F 143 -53.95 -2.29 0.90
CA ARG F 143 -52.70 -1.97 0.22
C ARG F 143 -51.92 -0.92 1.01
N ALA F 144 -50.60 -1.12 1.14
CA ALA F 144 -49.71 -0.20 1.84
C ALA F 144 -48.55 0.21 0.96
N THR F 145 -48.27 1.53 0.90
CA THR F 145 -47.19 2.10 0.13
C THR F 145 -46.05 2.52 1.05
N TYR F 146 -44.83 2.04 0.74
CA TYR F 146 -43.62 2.29 1.50
C TYR F 146 -42.70 3.19 0.69
N ARG F 147 -42.26 4.30 1.29
CA ARG F 147 -41.36 5.25 0.65
C ARG F 147 -40.08 5.37 1.46
N GLY F 148 -38.94 5.33 0.78
CA GLY F 148 -37.64 5.41 1.46
C GLY F 148 -36.45 5.59 0.55
N THR F 149 -35.29 5.09 1.01
CA THR F 149 -34.01 5.21 0.33
C THR F 149 -33.50 3.88 -0.22
N ALA F 150 -32.83 3.97 -1.39
CA ALA F 150 -32.10 2.89 -2.06
C ALA F 150 -30.66 3.40 -2.11
N PHE F 151 -29.73 2.69 -1.47
CA PHE F 151 -28.35 3.16 -1.41
C PHE F 151 -27.29 2.16 -1.87
N GLY F 152 -26.51 2.58 -2.85
CA GLY F 152 -25.40 1.80 -3.42
C GLY F 152 -24.07 2.47 -3.15
N SER F 153 -23.01 2.01 -3.83
CA SER F 153 -21.66 2.56 -3.70
C SER F 153 -21.62 4.04 -4.09
N ASP F 154 -21.15 4.91 -3.17
CA ASP F 154 -21.00 6.38 -3.32
C ASP F 154 -22.31 7.10 -3.71
N ASP F 155 -23.48 6.50 -3.40
CA ASP F 155 -24.77 7.07 -3.75
C ASP F 155 -25.88 6.68 -2.78
N ALA F 156 -26.30 7.64 -1.94
CA ALA F 156 -27.37 7.48 -0.96
C ALA F 156 -28.62 8.28 -1.38
N GLY F 157 -28.62 8.78 -2.63
CA GLY F 157 -29.69 9.58 -3.19
C GLY F 157 -30.81 8.85 -3.91
N GLY F 158 -30.73 7.52 -3.93
CA GLY F 158 -31.74 6.68 -4.57
C GLY F 158 -33.05 6.67 -3.82
N LYS F 159 -34.16 6.63 -4.55
CA LYS F 159 -35.50 6.67 -3.97
C LYS F 159 -36.20 5.35 -4.19
N LEU F 160 -36.68 4.76 -3.09
CA LEU F 160 -37.37 3.47 -3.08
C LEU F 160 -38.86 3.63 -2.82
N THR F 161 -39.67 3.01 -3.69
CA THR F 161 -41.12 2.96 -3.60
C THR F 161 -41.50 1.48 -3.65
N TYR F 162 -42.23 1.00 -2.62
CA TYR F 162 -42.65 -0.40 -2.55
C TYR F 162 -44.10 -0.51 -2.09
N THR F 163 -44.88 -1.34 -2.78
CA THR F 163 -46.30 -1.55 -2.47
C THR F 163 -46.56 -3.00 -2.08
N ILE F 164 -47.32 -3.21 -1.00
CA ILE F 164 -47.71 -4.53 -0.52
C ILE F 164 -49.24 -4.66 -0.49
N ASP F 165 -49.77 -5.72 -1.11
CA ASP F 165 -51.18 -6.05 -1.08
C ASP F 165 -51.33 -7.16 -0.03
N PHE F 166 -51.83 -6.82 1.15
CA PHE F 166 -51.99 -7.75 2.27
C PHE F 166 -53.03 -8.85 2.06
N ALA F 167 -54.03 -8.61 1.20
CA ALA F 167 -55.06 -9.58 0.88
C ALA F 167 -54.49 -10.70 -0.02
N ALA F 168 -53.66 -10.31 -1.00
CA ALA F 168 -53.01 -11.23 -1.95
C ALA F 168 -51.68 -11.76 -1.43
N LYS F 169 -51.16 -11.13 -0.34
CA LYS F 169 -49.85 -11.43 0.28
C LYS F 169 -48.72 -11.32 -0.75
N GLN F 170 -48.75 -10.23 -1.53
CA GLN F 170 -47.78 -9.93 -2.59
C GLN F 170 -47.22 -8.52 -2.49
N GLY F 171 -46.00 -8.37 -2.98
CA GLY F 171 -45.28 -7.09 -2.99
C GLY F 171 -44.54 -6.83 -4.28
N ASN F 172 -44.45 -5.55 -4.67
CA ASN F 172 -43.72 -5.09 -5.85
C ASN F 172 -43.25 -3.65 -5.64
N GLY F 173 -42.13 -3.30 -6.27
CA GLY F 173 -41.55 -1.98 -6.12
C GLY F 173 -40.73 -1.46 -7.28
N LYS F 174 -40.06 -0.32 -7.04
CA LYS F 174 -39.25 0.39 -8.02
C LYS F 174 -38.15 1.20 -7.33
N ILE F 175 -37.01 1.33 -8.01
CA ILE F 175 -35.87 2.13 -7.56
C ILE F 175 -35.69 3.26 -8.58
N GLU F 176 -35.58 4.51 -8.10
CA GLU F 176 -35.41 5.69 -8.96
C GLU F 176 -34.32 6.63 -8.41
N HIS F 177 -33.83 7.52 -9.28
CA HIS F 177 -32.87 8.60 -9.00
C HIS F 177 -31.43 8.24 -8.63
N LEU F 178 -31.01 6.96 -8.77
CA LEU F 178 -29.62 6.58 -8.51
C LEU F 178 -28.77 7.05 -9.69
N LYS F 179 -27.56 7.58 -9.41
CA LYS F 179 -26.61 8.10 -10.41
C LYS F 179 -26.34 7.09 -11.53
N SER F 180 -26.18 5.80 -11.16
CA SER F 180 -25.98 4.71 -12.12
C SER F 180 -27.36 4.33 -12.68
N PRO F 181 -27.64 4.60 -13.99
CA PRO F 181 -28.98 4.30 -14.53
C PRO F 181 -29.41 2.83 -14.45
N GLU F 182 -28.47 1.89 -14.63
CA GLU F 182 -28.69 0.44 -14.57
C GLU F 182 -29.20 -0.07 -13.22
N LEU F 183 -29.00 0.71 -12.15
CA LEU F 183 -29.44 0.36 -10.79
C LEU F 183 -30.86 0.83 -10.47
N ASN F 184 -31.47 1.65 -11.37
CA ASN F 184 -32.85 2.11 -11.22
C ASN F 184 -33.77 1.02 -11.78
N VAL F 185 -33.87 -0.06 -11.00
CA VAL F 185 -34.57 -1.29 -11.33
C VAL F 185 -35.99 -1.43 -10.77
N ASP F 186 -36.76 -2.33 -11.39
CA ASP F 186 -38.11 -2.69 -10.96
C ASP F 186 -37.99 -3.92 -10.07
N LEU F 187 -38.65 -3.88 -8.91
CA LEU F 187 -38.66 -4.99 -7.97
C LEU F 187 -39.94 -5.77 -8.25
N ALA F 188 -39.82 -6.83 -9.06
CA ALA F 188 -40.91 -7.69 -9.54
C ALA F 188 -41.85 -8.22 -8.44
N ALA F 189 -43.10 -8.52 -8.83
CA ALA F 189 -44.14 -9.07 -7.96
C ALA F 189 -43.65 -10.35 -7.30
N ALA F 190 -43.69 -10.38 -5.97
CA ALA F 190 -43.23 -11.51 -5.17
C ALA F 190 -44.14 -11.75 -3.98
N ASP F 191 -44.30 -13.01 -3.59
CA ASP F 191 -45.15 -13.44 -2.49
C ASP F 191 -44.49 -13.22 -1.14
N ILE F 192 -45.30 -12.91 -0.12
CA ILE F 192 -44.84 -12.78 1.26
C ILE F 192 -44.87 -14.19 1.82
N LYS F 193 -43.75 -14.65 2.37
CA LYS F 193 -43.63 -16.01 2.91
C LYS F 193 -43.10 -16.00 4.35
N PRO F 194 -43.47 -16.97 5.21
CA PRO F 194 -42.89 -16.99 6.56
C PRO F 194 -41.48 -17.61 6.54
N ASP F 195 -40.55 -17.09 7.37
CA ASP F 195 -39.22 -17.68 7.46
C ASP F 195 -39.20 -18.75 8.58
N GLY F 196 -38.01 -19.26 8.93
CA GLY F 196 -37.81 -20.27 9.96
C GLY F 196 -38.36 -19.89 11.33
N LYS F 197 -38.35 -18.58 11.65
CA LYS F 197 -38.87 -18.02 12.90
C LYS F 197 -40.28 -17.44 12.69
N ARG F 198 -40.89 -17.71 11.52
CA ARG F 198 -42.22 -17.27 11.09
C ARG F 198 -42.39 -15.76 10.91
N HIS F 199 -41.28 -15.05 10.63
CA HIS F 199 -41.32 -13.62 10.36
C HIS F 199 -41.61 -13.42 8.87
N ALA F 200 -42.32 -12.34 8.54
CA ALA F 200 -42.73 -12.01 7.17
C ALA F 200 -41.56 -11.52 6.33
N VAL F 201 -41.24 -12.28 5.26
CA VAL F 201 -40.15 -11.95 4.32
C VAL F 201 -40.67 -11.94 2.88
N ILE F 202 -39.99 -11.17 2.01
CA ILE F 202 -40.32 -11.08 0.58
C ILE F 202 -39.02 -11.22 -0.23
N SER F 203 -39.02 -12.10 -1.24
CA SER F 203 -37.90 -12.29 -2.16
C SER F 203 -38.42 -12.50 -3.57
N GLY F 204 -37.87 -11.74 -4.50
CA GLY F 204 -38.24 -11.78 -5.91
C GLY F 204 -37.12 -11.37 -6.85
N SER F 205 -37.47 -11.21 -8.13
CA SER F 205 -36.55 -10.84 -9.19
C SER F 205 -36.38 -9.33 -9.34
N VAL F 206 -35.22 -8.93 -9.87
CA VAL F 206 -34.84 -7.55 -10.17
C VAL F 206 -34.83 -7.42 -11.70
N LEU F 207 -35.54 -6.41 -12.22
CA LEU F 207 -35.66 -6.19 -13.66
C LEU F 207 -35.20 -4.80 -14.10
N TYR F 208 -34.44 -4.74 -15.20
CA TYR F 208 -34.00 -3.50 -15.83
C TYR F 208 -34.36 -3.61 -17.31
N ASN F 209 -35.29 -2.74 -17.76
CA ASN F 209 -35.84 -2.70 -19.12
C ASN F 209 -36.47 -4.06 -19.50
N GLN F 210 -37.25 -4.63 -18.54
CA GLN F 210 -37.99 -5.90 -18.62
C GLN F 210 -37.13 -7.18 -18.63
N ALA F 211 -35.79 -7.03 -18.52
CA ALA F 211 -34.84 -8.15 -18.51
C ALA F 211 -34.35 -8.42 -17.08
N GLU F 212 -34.31 -9.70 -16.67
CA GLU F 212 -33.87 -10.10 -15.33
C GLU F 212 -32.39 -9.84 -15.12
N LYS F 213 -32.07 -9.02 -14.10
CA LYS F 213 -30.69 -8.65 -13.78
C LYS F 213 -30.22 -9.15 -12.41
N GLY F 214 -31.14 -9.68 -11.62
CA GLY F 214 -30.81 -10.21 -10.30
C GLY F 214 -31.99 -10.49 -9.39
N SER F 215 -31.74 -10.41 -8.08
CA SER F 215 -32.75 -10.66 -7.05
C SER F 215 -32.76 -9.59 -5.97
N TYR F 216 -33.88 -9.53 -5.23
CA TYR F 216 -34.04 -8.63 -4.08
C TYR F 216 -34.70 -9.39 -2.93
N SER F 217 -34.40 -8.97 -1.70
CA SER F 217 -35.00 -9.55 -0.51
C SER F 217 -35.36 -8.44 0.47
N LEU F 218 -36.53 -8.56 1.11
CA LEU F 218 -37.00 -7.60 2.10
C LEU F 218 -37.62 -8.32 3.28
N GLY F 219 -37.47 -7.70 4.44
CA GLY F 219 -38.07 -8.15 5.68
C GLY F 219 -39.13 -7.13 6.09
N ILE F 220 -40.25 -7.60 6.63
CA ILE F 220 -41.31 -6.69 7.06
C ILE F 220 -41.08 -6.42 8.55
N PHE F 221 -41.01 -5.13 8.93
CA PHE F 221 -40.71 -4.72 10.29
C PHE F 221 -41.78 -3.84 10.91
N GLY F 222 -41.98 -4.03 12.22
CA GLY F 222 -42.96 -3.31 13.03
C GLY F 222 -44.18 -4.13 13.35
N GLY F 223 -44.89 -3.73 14.41
CA GLY F 223 -46.10 -4.39 14.86
C GLY F 223 -47.26 -4.26 13.88
N LYS F 224 -47.35 -3.10 13.20
CA LYS F 224 -48.40 -2.81 12.22
C LYS F 224 -47.86 -2.78 10.78
N ALA F 225 -46.75 -3.53 10.53
CA ALA F 225 -46.05 -3.66 9.24
C ALA F 225 -45.70 -2.29 8.62
N GLN F 226 -45.18 -1.37 9.46
CA GLN F 226 -44.85 0.01 9.08
C GLN F 226 -43.67 0.11 8.13
N GLU F 227 -42.72 -0.82 8.22
CA GLU F 227 -41.48 -0.75 7.44
C GLU F 227 -41.09 -2.00 6.66
N VAL F 228 -40.19 -1.80 5.68
CA VAL F 228 -39.55 -2.82 4.85
C VAL F 228 -38.05 -2.49 4.76
N ALA F 229 -37.20 -3.51 4.94
CA ALA F 229 -35.75 -3.35 4.88
C ALA F 229 -35.10 -4.60 4.32
N GLY F 230 -34.10 -4.40 3.47
CA GLY F 230 -33.37 -5.49 2.82
C GLY F 230 -32.33 -5.00 1.83
N SER F 231 -32.13 -5.80 0.76
CA SER F 231 -31.13 -5.51 -0.27
C SER F 231 -31.50 -6.06 -1.64
N ALA F 232 -30.76 -5.60 -2.67
CA ALA F 232 -30.89 -6.03 -4.06
C ALA F 232 -29.50 -6.24 -4.65
N GLU F 233 -29.35 -7.27 -5.50
CA GLU F 233 -28.09 -7.59 -6.18
C GLU F 233 -28.38 -7.53 -7.67
N VAL F 234 -27.78 -6.54 -8.36
CA VAL F 234 -28.05 -6.23 -9.76
C VAL F 234 -26.83 -6.40 -10.67
N LYS F 235 -27.01 -7.09 -11.82
CA LYS F 235 -25.98 -7.24 -12.84
C LYS F 235 -25.99 -5.99 -13.73
N THR F 236 -24.82 -5.37 -13.92
CA THR F 236 -24.63 -4.20 -14.78
C THR F 236 -23.55 -4.55 -15.81
N VAL F 237 -23.30 -3.67 -16.81
CA VAL F 237 -22.27 -3.88 -17.84
C VAL F 237 -20.86 -4.04 -17.21
N ASN F 238 -20.59 -3.39 -16.06
CA ASN F 238 -19.30 -3.47 -15.38
C ASN F 238 -19.30 -4.35 -14.11
N GLY F 239 -20.25 -5.26 -14.01
CA GLY F 239 -20.33 -6.20 -12.89
C GLY F 239 -21.57 -6.14 -12.03
N ILE F 240 -21.60 -6.99 -10.98
CA ILE F 240 -22.69 -7.07 -10.02
C ILE F 240 -22.55 -5.94 -8.99
N ARG F 241 -23.66 -5.22 -8.73
CA ARG F 241 -23.70 -4.12 -7.78
C ARG F 241 -24.82 -4.35 -6.77
N HIS F 242 -24.52 -4.15 -5.49
CA HIS F 242 -25.48 -4.32 -4.39
C HIS F 242 -26.09 -2.99 -3.97
N ILE F 243 -27.39 -3.01 -3.62
CA ILE F 243 -28.15 -1.82 -3.19
C ILE F 243 -28.81 -2.12 -1.85
N GLY F 244 -28.66 -1.19 -0.91
CA GLY F 244 -29.31 -1.25 0.40
C GLY F 244 -30.71 -0.71 0.28
N LEU F 245 -31.70 -1.42 0.82
CA LEU F 245 -33.10 -1.02 0.73
C LEU F 245 -33.75 -0.83 2.08
N ALA F 246 -34.46 0.30 2.25
CA ALA F 246 -35.20 0.65 3.46
C ALA F 246 -36.27 1.68 3.14
N ALA F 247 -37.53 1.35 3.49
CA ALA F 247 -38.68 2.21 3.24
C ALA F 247 -39.71 2.09 4.36
N LYS F 248 -40.47 3.17 4.58
CA LYS F 248 -41.49 3.23 5.62
C LYS F 248 -42.83 3.74 5.08
N GLN F 249 -43.93 3.40 5.77
CA GLN F 249 -45.27 3.87 5.44
C GLN F 249 -45.41 5.32 5.90
N GLU F 250 -46.24 6.11 5.18
CA GLU F 250 -46.57 7.54 5.41
C GLU F 250 -45.56 8.37 6.23
C1 EDO G . 22.12 -16.31 21.35
O1 EDO G . 22.50 -16.65 20.04
C2 EDO G . 22.29 -14.79 21.57
O2 EDO G . 23.65 -14.44 21.33
C1 EDO H . 11.57 20.49 -23.29
O1 EDO H . 11.22 19.41 -24.14
C2 EDO H . 10.30 21.07 -22.64
O2 EDO H . 9.42 21.50 -23.66
C1 EDO I . -24.07 -26.38 -3.61
O1 EDO I . -22.78 -26.25 -4.15
C2 EDO I . -24.51 -27.87 -3.64
O2 EDO I . -25.74 -28.02 -2.95
C1 EDO J . -31.04 -10.82 -3.04
O1 EDO J . -30.22 -11.97 -3.17
C2 EDO J . -30.72 -10.10 -1.73
O2 EDO J . -30.87 -11.00 -0.64
#